data_1JT0
#
_entry.id   1JT0
#
_cell.length_a   174.700
_cell.length_b   174.700
_cell.length_c   151.950
_cell.angle_alpha   90.00
_cell.angle_beta   90.00
_cell.angle_gamma   120.00
#
_symmetry.space_group_name_H-M   'P 65'
#
loop_
_entity.id
_entity.type
_entity.pdbx_description
1 polymer 'QACA operator'
2 polymer "HYPOTHETICAL TRANSCRIPTIONAL REGULATOR IN QACA 5'REGION"
3 non-polymer 'SULFATE ION'
4 water water
#
loop_
_entity_poly.entity_id
_entity_poly.type
_entity_poly.pdbx_seq_one_letter_code
_entity_poly.pdbx_strand_id
1 'polydeoxyribonucleotide'
;(DC)(DT)(DT)(DA)(DT)(DA)(DG)(DA)(DC)(DC)(DG)(DA)(DT)(DC)(DG)(DA)(DT)(DC)(DG)(DG)
(DT)(DC)(DT)(DA)(DT)(DA)(DA)(DG)
;
E,F
2 'polypeptide(L)'
;MNLKDKILGVAKELFIKNGYNATTTGEIVKLSESSKGNLYYHFKTKENLFLEILNIEESKWQEQWKKEQIKAKTNREKFY
LYNELSLTTEYYYPLQNAIIEFYTEYYKTNSINEKMNKLENKYIDAYHVIFKEGNLNGEWSINDVNAVSKIAANAVNGIV
TFTHEQNINERIKLMNKFSQIFLNGLSKHHHHHH
;
A,B,C,D
#
loop_
_chem_comp.id
_chem_comp.type
_chem_comp.name
_chem_comp.formula
DA DNA linking 2'-DEOXYADENOSINE-5'-MONOPHOSPHATE 'C10 H14 N5 O6 P'
DC DNA linking 2'-DEOXYCYTIDINE-5'-MONOPHOSPHATE 'C9 H14 N3 O7 P'
DG DNA linking 2'-DEOXYGUANOSINE-5'-MONOPHOSPHATE 'C10 H14 N5 O7 P'
DT DNA linking THYMIDINE-5'-MONOPHOSPHATE 'C10 H15 N2 O8 P'
SO4 non-polymer 'SULFATE ION' 'O4 S -2'
#
# COMPACT_ATOMS: atom_id res chain seq x y z
N ASN C 2 12.20 24.56 9.08
CA ASN C 2 12.16 25.73 8.17
C ASN C 2 11.53 25.36 6.85
N LEU C 3 12.25 24.61 6.02
CA LEU C 3 11.70 24.20 4.74
C LEU C 3 10.37 23.50 4.98
N LYS C 4 10.21 22.92 6.17
CA LYS C 4 8.98 22.25 6.53
C LYS C 4 7.87 23.27 6.40
N ASP C 5 7.99 24.35 7.17
CA ASP C 5 7.01 25.41 7.15
C ASP C 5 6.80 25.95 5.75
N LYS C 6 7.88 26.04 4.97
CA LYS C 6 7.76 26.53 3.60
C LYS C 6 6.84 25.59 2.83
N ILE C 7 7.01 24.30 3.08
CA ILE C 7 6.21 23.28 2.44
C ILE C 7 4.76 23.35 2.88
N LEU C 8 4.55 23.45 4.19
CA LEU C 8 3.19 23.55 4.72
C LEU C 8 2.51 24.74 4.07
N GLY C 9 3.25 25.84 3.95
CA GLY C 9 2.71 27.04 3.34
C GLY C 9 2.33 26.87 1.89
N VAL C 10 3.30 26.46 1.08
CA VAL C 10 3.07 26.27 -0.34
C VAL C 10 2.00 25.20 -0.62
N ALA C 11 1.96 24.17 0.23
CA ALA C 11 0.98 23.11 0.04
C ALA C 11 -0.43 23.67 0.19
N LYS C 12 -0.65 24.42 1.27
CA LYS C 12 -1.97 25.02 1.50
C LYS C 12 -2.37 25.81 0.25
N GLU C 13 -1.52 26.76 -0.15
CA GLU C 13 -1.81 27.55 -1.33
C GLU C 13 -2.34 26.70 -2.49
N LEU C 14 -1.56 25.68 -2.86
CA LEU C 14 -1.94 24.79 -3.97
C LEU C 14 -3.18 23.97 -3.74
N PHE C 15 -3.33 23.42 -2.54
CA PHE C 15 -4.51 22.61 -2.23
C PHE C 15 -5.78 23.48 -2.39
N ILE C 16 -5.72 24.68 -1.83
CA ILE C 16 -6.83 25.60 -1.92
C ILE C 16 -7.12 25.89 -3.38
N LYS C 17 -6.05 26.20 -4.11
CA LYS C 17 -6.13 26.51 -5.54
C LYS C 17 -6.44 25.37 -6.51
N ASN C 18 -5.90 24.17 -6.28
CA ASN C 18 -6.14 23.09 -7.22
C ASN C 18 -6.79 21.86 -6.64
N GLY C 19 -6.85 21.76 -5.33
CA GLY C 19 -7.46 20.58 -4.74
C GLY C 19 -6.40 19.58 -4.35
N TYR C 20 -6.78 18.52 -3.65
CA TYR C 20 -5.82 17.51 -3.21
C TYR C 20 -5.20 16.76 -4.36
N ASN C 21 -5.90 15.74 -4.87
CA ASN C 21 -5.40 14.92 -5.97
C ASN C 21 -4.74 15.75 -7.06
N ALA C 22 -5.42 16.79 -7.51
CA ALA C 22 -4.89 17.65 -8.56
C ALA C 22 -3.56 18.30 -8.21
N THR C 23 -3.28 18.54 -6.92
CA THR C 23 -2.03 19.16 -6.51
C THR C 23 -0.93 18.12 -6.40
N THR C 24 0.15 18.33 -7.16
CA THR C 24 1.27 17.40 -7.20
C THR C 24 2.43 17.66 -6.24
N THR C 25 3.04 16.59 -5.74
CA THR C 25 4.17 16.67 -4.80
C THR C 25 5.29 17.52 -5.35
N GLY C 26 5.66 17.25 -6.60
CA GLY C 26 6.73 18.00 -7.24
C GLY C 26 6.56 19.50 -7.19
N GLU C 27 5.37 19.97 -7.53
CA GLU C 27 5.08 21.40 -7.52
C GLU C 27 5.28 21.97 -6.13
N ILE C 28 4.78 21.26 -5.12
CA ILE C 28 4.93 21.71 -3.75
C ILE C 28 6.41 21.93 -3.52
N VAL C 29 7.20 20.90 -3.79
CA VAL C 29 8.63 20.99 -3.59
C VAL C 29 9.32 22.08 -4.39
N LYS C 30 8.96 22.23 -5.66
CA LYS C 30 9.54 23.26 -6.51
C LYS C 30 9.37 24.62 -5.84
N LEU C 31 8.13 25.07 -5.75
CA LEU C 31 7.82 26.35 -5.11
C LEU C 31 8.44 26.38 -3.72
N SER C 32 8.20 25.36 -2.92
CA SER C 32 8.77 25.31 -1.57
C SER C 32 10.27 25.48 -1.67
N GLU C 33 10.84 25.11 -2.81
CA GLU C 33 12.28 25.19 -3.00
C GLU C 33 12.98 24.24 -2.03
N SER C 34 12.48 23.02 -1.94
CA SER C 34 13.08 22.00 -1.08
C SER C 34 13.14 20.75 -1.93
N SER C 35 13.04 19.59 -1.31
CA SER C 35 13.13 18.34 -2.07
C SER C 35 12.07 17.32 -1.71
N LYS C 36 11.71 16.47 -2.67
CA LYS C 36 10.73 15.42 -2.41
C LYS C 36 11.24 14.66 -1.21
N GLY C 37 12.51 14.32 -1.26
CA GLY C 37 13.10 13.60 -0.15
C GLY C 37 12.84 14.36 1.14
N ASN C 38 12.82 15.68 1.08
CA ASN C 38 12.61 16.44 2.30
C ASN C 38 11.17 16.41 2.75
N LEU C 39 10.28 16.63 1.80
CA LEU C 39 8.84 16.63 2.06
C LEU C 39 8.49 15.32 2.73
N TYR C 40 8.96 14.22 2.15
CA TYR C 40 8.66 12.93 2.73
C TYR C 40 9.43 12.64 3.98
N TYR C 41 10.44 13.46 4.25
CA TYR C 41 11.21 13.27 5.46
C TYR C 41 10.33 13.75 6.62
N HIS C 42 9.70 14.91 6.43
CA HIS C 42 8.84 15.50 7.44
C HIS C 42 7.42 14.98 7.57
N PHE C 43 6.87 14.39 6.52
CA PHE C 43 5.51 13.86 6.60
C PHE C 43 5.52 12.50 5.95
N LYS C 44 5.24 11.47 6.72
CA LYS C 44 5.26 10.14 6.17
C LYS C 44 4.67 10.08 4.77
N THR C 45 3.65 10.88 4.51
CA THR C 45 2.97 10.85 3.22
C THR C 45 2.21 12.13 2.83
N LYS C 46 1.70 12.17 1.60
CA LYS C 46 0.93 13.32 1.11
C LYS C 46 -0.32 13.51 1.96
N GLU C 47 -0.94 12.39 2.33
CA GLU C 47 -2.13 12.44 3.16
C GLU C 47 -1.83 13.19 4.44
N ASN C 48 -0.75 12.76 5.12
CA ASN C 48 -0.33 13.41 6.36
C ASN C 48 -0.03 14.87 6.16
N LEU C 49 0.57 15.20 5.04
CA LEU C 49 0.89 16.58 4.77
C LEU C 49 -0.41 17.37 4.79
N PHE C 50 -1.48 16.74 4.32
CA PHE C 50 -2.76 17.41 4.29
C PHE C 50 -3.42 17.51 5.66
N LEU C 51 -3.58 16.39 6.38
CA LEU C 51 -4.19 16.44 7.71
C LEU C 51 -3.48 17.45 8.58
N GLU C 52 -2.16 17.47 8.48
CA GLU C 52 -1.36 18.42 9.22
C GLU C 52 -1.90 19.81 8.93
N ILE C 53 -1.81 20.21 7.68
CA ILE C 53 -2.31 21.51 7.27
C ILE C 53 -3.70 21.77 7.87
N LEU C 54 -4.53 20.73 7.92
CA LEU C 54 -5.87 20.91 8.47
C LEU C 54 -5.85 21.36 9.93
N ASN C 55 -5.11 20.65 10.77
CA ASN C 55 -5.02 21.07 12.17
C ASN C 55 -4.54 22.51 12.21
N ILE C 56 -3.33 22.73 11.72
CA ILE C 56 -2.76 24.07 11.67
C ILE C 56 -3.85 25.08 11.32
N GLU C 57 -4.67 24.73 10.32
CA GLU C 57 -5.75 25.61 9.87
C GLU C 57 -6.86 25.78 10.90
N GLU C 58 -7.32 24.67 11.47
CA GLU C 58 -8.38 24.72 12.47
C GLU C 58 -8.02 25.73 13.55
N SER C 59 -6.92 25.45 14.25
CA SER C 59 -6.44 26.32 15.32
C SER C 59 -6.28 27.74 14.85
N LYS C 60 -5.63 27.93 13.71
CA LYS C 60 -5.43 29.27 13.18
C LYS C 60 -6.77 30.02 13.03
N TRP C 61 -7.88 29.29 13.17
CA TRP C 61 -9.22 29.87 13.04
C TRP C 61 -9.92 29.99 14.40
N GLN C 62 -9.96 28.90 15.16
CA GLN C 62 -10.60 28.89 16.47
C GLN C 62 -10.10 30.14 17.16
N GLU C 63 -8.83 30.42 16.89
CA GLU C 63 -8.11 31.56 17.41
C GLU C 63 -8.65 32.85 16.87
N GLN C 64 -8.86 32.91 15.57
CA GLN C 64 -9.38 34.12 14.94
C GLN C 64 -10.82 34.41 15.32
N TRP C 65 -11.59 33.37 15.59
CA TRP C 65 -13.00 33.55 15.95
C TRP C 65 -13.11 34.10 17.36
N LYS C 66 -12.64 33.33 18.34
CA LYS C 66 -12.73 33.76 19.72
C LYS C 66 -12.14 35.16 19.92
N LYS C 67 -11.24 35.58 19.03
CA LYS C 67 -10.63 36.89 19.14
C LYS C 67 -11.40 37.94 18.36
N GLU C 68 -12.14 37.52 17.34
CA GLU C 68 -12.89 38.43 16.50
C GLU C 68 -14.32 38.65 16.97
N GLN C 69 -14.88 37.65 17.63
CA GLN C 69 -16.26 37.72 18.12
C GLN C 69 -16.42 38.68 19.28
N ILE C 70 -15.31 39.18 19.82
CA ILE C 70 -15.39 40.12 20.92
C ILE C 70 -16.21 41.32 20.49
N LYS C 71 -15.80 41.95 19.37
CA LYS C 71 -16.48 43.11 18.84
C LYS C 71 -17.99 42.93 18.66
N ALA C 72 -18.47 41.69 18.75
CA ALA C 72 -19.90 41.41 18.60
C ALA C 72 -20.55 41.48 19.97
N LYS C 73 -21.62 42.27 20.08
CA LYS C 73 -22.30 42.41 21.35
C LYS C 73 -23.42 41.41 21.53
N THR C 74 -24.28 41.32 20.52
CA THR C 74 -25.42 40.41 20.57
C THR C 74 -25.15 39.00 20.02
N ASN C 75 -25.82 38.01 20.60
CA ASN C 75 -25.69 36.63 20.16
C ASN C 75 -26.15 36.51 18.73
N ARG C 76 -26.82 37.54 18.24
CA ARG C 76 -27.31 37.58 16.88
C ARG C 76 -26.17 38.13 16.05
N GLU C 77 -25.56 39.21 16.52
CA GLU C 77 -24.42 39.82 15.84
C GLU C 77 -23.35 38.78 15.59
N LYS C 78 -23.24 37.84 16.52
CA LYS C 78 -22.25 36.79 16.36
C LYS C 78 -22.59 35.99 15.11
N PHE C 79 -23.82 35.50 15.02
CA PHE C 79 -24.26 34.72 13.86
C PHE C 79 -23.98 35.49 12.58
N TYR C 80 -24.31 36.78 12.58
CA TYR C 80 -24.08 37.61 11.40
C TYR C 80 -22.60 37.63 11.07
N LEU C 81 -21.75 37.79 12.08
CA LEU C 81 -20.32 37.84 11.88
C LEU C 81 -19.70 36.51 11.48
N TYR C 82 -19.82 35.52 12.35
CA TYR C 82 -19.28 34.18 12.11
C TYR C 82 -19.52 33.73 10.68
N ASN C 83 -20.69 34.07 10.13
CA ASN C 83 -21.02 33.69 8.77
C ASN C 83 -20.24 34.51 7.77
N GLU C 84 -20.04 35.79 8.12
CA GLU C 84 -19.31 36.71 7.26
C GLU C 84 -17.88 36.26 7.19
N LEU C 85 -17.32 35.87 8.33
CA LEU C 85 -15.94 35.42 8.37
C LEU C 85 -15.72 34.26 7.40
N SER C 86 -16.65 33.31 7.39
CA SER C 86 -16.56 32.15 6.50
C SER C 86 -16.00 32.55 5.13
N LEU C 87 -16.39 33.71 4.66
CA LEU C 87 -15.93 34.19 3.37
C LEU C 87 -14.62 34.97 3.42
N THR C 88 -14.42 35.76 4.47
CA THR C 88 -13.20 36.54 4.58
C THR C 88 -12.01 35.80 5.21
N THR C 89 -12.26 34.71 5.93
CA THR C 89 -11.19 33.97 6.57
C THR C 89 -10.19 33.44 5.57
N GLU C 90 -9.03 33.04 6.08
CA GLU C 90 -8.01 32.46 5.24
C GLU C 90 -7.69 31.08 5.76
N TYR C 91 -8.44 30.66 6.77
CA TYR C 91 -8.23 29.36 7.39
C TYR C 91 -9.37 28.38 7.35
N TYR C 92 -9.03 27.15 6.99
CA TYR C 92 -9.94 26.03 6.88
C TYR C 92 -11.03 26.09 5.82
N TYR C 93 -11.84 27.14 5.83
CA TYR C 93 -12.91 27.25 4.83
C TYR C 93 -12.38 27.30 3.40
N PRO C 94 -11.30 28.08 3.16
CA PRO C 94 -10.77 28.15 1.80
C PRO C 94 -10.54 26.78 1.16
N LEU C 95 -9.88 25.89 1.88
CA LEU C 95 -9.64 24.57 1.31
C LEU C 95 -10.72 23.58 1.67
N GLN C 96 -11.97 24.00 1.51
CA GLN C 96 -13.12 23.15 1.82
C GLN C 96 -13.32 22.09 0.73
N ASN C 97 -13.16 22.52 -0.52
CA ASN C 97 -13.29 21.65 -1.67
C ASN C 97 -12.37 20.45 -1.48
N ALA C 98 -11.09 20.75 -1.27
CA ALA C 98 -10.07 19.72 -1.05
C ALA C 98 -10.54 18.76 0.02
N ILE C 99 -11.17 19.31 1.04
CA ILE C 99 -11.68 18.52 2.15
C ILE C 99 -12.74 17.54 1.67
N ILE C 100 -13.61 17.98 0.76
CA ILE C 100 -14.65 17.10 0.21
C ILE C 100 -13.91 16.02 -0.56
N GLU C 101 -13.19 16.47 -1.56
CA GLU C 101 -12.41 15.61 -2.44
C GLU C 101 -11.63 14.59 -1.64
N PHE C 102 -11.16 15.00 -0.47
CA PHE C 102 -10.38 14.11 0.37
C PHE C 102 -11.28 13.11 1.08
N TYR C 103 -12.21 13.60 1.85
CA TYR C 103 -13.15 12.73 2.57
C TYR C 103 -13.84 11.76 1.61
N THR C 104 -14.21 12.30 0.44
CA THR C 104 -14.89 11.48 -0.55
C THR C 104 -14.28 10.10 -0.72
N GLU C 105 -13.01 10.03 -1.12
CA GLU C 105 -12.37 8.73 -1.33
C GLU C 105 -11.81 8.08 -0.06
N TYR C 106 -11.05 8.83 0.73
CA TYR C 106 -10.46 8.27 1.94
C TYR C 106 -11.47 8.10 3.08
N TYR C 107 -12.72 7.83 2.74
CA TYR C 107 -13.77 7.65 3.73
C TYR C 107 -13.77 6.22 4.28
N LYS C 108 -13.04 5.33 3.62
CA LYS C 108 -12.99 3.95 4.05
C LYS C 108 -11.76 3.62 4.90
N THR C 109 -11.00 4.65 5.26
CA THR C 109 -9.82 4.50 6.10
C THR C 109 -10.09 5.27 7.38
N ASN C 110 -10.34 4.54 8.47
CA ASN C 110 -10.67 5.12 9.77
C ASN C 110 -9.71 6.19 10.31
N SER C 111 -8.43 6.04 10.02
CA SER C 111 -7.44 7.01 10.47
C SER C 111 -7.76 8.44 10.01
N ILE C 112 -8.21 8.55 8.76
CA ILE C 112 -8.56 9.83 8.16
C ILE C 112 -9.97 10.33 8.57
N ASN C 113 -10.96 9.47 8.39
CA ASN C 113 -12.35 9.82 8.71
C ASN C 113 -12.50 10.57 10.01
N GLU C 114 -12.43 9.85 11.13
CA GLU C 114 -12.57 10.46 12.46
C GLU C 114 -11.78 11.75 12.58
N LYS C 115 -10.57 11.73 12.05
CA LYS C 115 -9.67 12.88 12.11
C LYS C 115 -10.26 14.13 11.44
N MET C 116 -11.27 13.92 10.59
CA MET C 116 -11.89 15.03 9.87
C MET C 116 -13.24 15.44 10.41
N ASN C 117 -14.04 14.46 10.83
CA ASN C 117 -15.35 14.76 11.38
C ASN C 117 -15.12 15.70 12.56
N LYS C 118 -13.99 15.49 13.24
CA LYS C 118 -13.60 16.31 14.38
C LYS C 118 -13.71 17.78 14.00
N LEU C 119 -12.88 18.20 13.03
CA LEU C 119 -12.89 19.60 12.58
C LEU C 119 -14.30 19.96 12.17
N GLU C 120 -14.99 19.02 11.55
CA GLU C 120 -16.36 19.27 11.12
C GLU C 120 -17.16 19.78 12.31
N ASN C 121 -17.32 18.92 13.31
CA ASN C 121 -18.07 19.28 14.52
C ASN C 121 -17.67 20.59 15.17
N LYS C 122 -16.38 20.90 15.21
CA LYS C 122 -15.94 22.16 15.80
C LYS C 122 -16.85 23.28 15.30
N TYR C 123 -16.94 23.39 13.98
CA TYR C 123 -17.77 24.40 13.35
C TYR C 123 -19.25 24.16 13.58
N ILE C 124 -19.62 22.91 13.78
CA ILE C 124 -21.00 22.60 14.03
C ILE C 124 -21.32 23.20 15.39
N ASP C 125 -20.35 23.09 16.30
CA ASP C 125 -20.49 23.60 17.66
C ASP C 125 -20.53 25.11 17.75
N ALA C 126 -19.53 25.79 17.20
CA ALA C 126 -19.52 27.24 17.27
C ALA C 126 -20.94 27.77 17.13
N TYR C 127 -21.74 27.06 16.34
CA TYR C 127 -23.13 27.41 16.10
C TYR C 127 -24.00 27.04 17.31
N HIS C 128 -23.79 25.83 17.83
CA HIS C 128 -24.55 25.37 19.00
C HIS C 128 -24.45 26.39 20.13
N VAL C 129 -23.30 27.06 20.23
CA VAL C 129 -23.11 28.06 21.27
C VAL C 129 -23.81 29.36 20.90
N ILE C 130 -23.49 29.95 19.76
CA ILE C 130 -24.13 31.19 19.37
C ILE C 130 -25.64 31.04 19.54
N PHE C 131 -26.15 29.85 19.22
CA PHE C 131 -27.58 29.60 19.34
C PHE C 131 -28.06 29.43 20.77
N LYS C 132 -27.45 28.51 21.52
CA LYS C 132 -27.85 28.26 22.90
C LYS C 132 -27.83 29.51 23.78
N GLU C 133 -26.65 30.05 24.04
CA GLU C 133 -26.61 31.23 24.88
C GLU C 133 -27.45 32.34 24.29
N GLY C 134 -27.76 32.24 23.00
CA GLY C 134 -28.60 33.25 22.38
C GLY C 134 -30.01 33.04 22.86
N ASN C 135 -30.28 31.80 23.25
CA ASN C 135 -31.59 31.41 23.74
C ASN C 135 -31.83 32.15 25.05
N LEU C 136 -31.20 31.66 26.12
CA LEU C 136 -31.37 32.25 27.44
C LEU C 136 -31.20 33.76 27.46
N ASN C 137 -30.30 34.30 26.66
CA ASN C 137 -30.14 35.75 26.65
C ASN C 137 -31.36 36.40 25.98
N GLY C 138 -32.45 35.63 25.93
CA GLY C 138 -33.69 36.10 25.34
C GLY C 138 -33.61 36.74 23.96
N GLU C 139 -32.99 36.03 23.02
CA GLU C 139 -32.87 36.55 21.66
C GLU C 139 -33.71 35.74 20.70
N TRP C 140 -34.04 34.54 21.13
CA TRP C 140 -34.86 33.65 20.34
C TRP C 140 -35.03 32.38 21.15
N SER C 141 -36.17 31.72 20.99
CA SER C 141 -36.38 30.47 21.70
C SER C 141 -36.27 29.43 20.62
N ILE C 142 -35.32 28.52 20.77
CA ILE C 142 -35.13 27.50 19.78
C ILE C 142 -35.37 26.13 20.36
N ASN C 143 -36.38 25.45 19.80
CA ASN C 143 -36.73 24.11 20.23
C ASN C 143 -35.45 23.27 20.21
N ASP C 144 -35.21 22.58 19.09
CA ASP C 144 -34.00 21.77 18.95
C ASP C 144 -32.86 22.69 18.56
N VAL C 145 -31.79 22.70 19.35
CA VAL C 145 -30.67 23.58 19.06
C VAL C 145 -29.57 22.87 18.28
N ASN C 146 -29.34 21.60 18.58
CA ASN C 146 -28.28 20.88 17.89
C ASN C 146 -28.67 20.66 16.41
N ALA C 147 -29.96 20.77 16.10
CA ALA C 147 -30.39 20.61 14.72
C ALA C 147 -30.23 21.96 14.04
N VAL C 148 -30.85 22.99 14.59
CA VAL C 148 -30.74 24.32 14.01
C VAL C 148 -29.27 24.68 13.87
N SER C 149 -28.44 24.23 14.80
CA SER C 149 -27.03 24.55 14.72
C SER C 149 -26.37 23.76 13.58
N LYS C 150 -26.90 22.57 13.31
CA LYS C 150 -26.39 21.73 12.25
C LYS C 150 -26.82 22.32 10.91
N ILE C 151 -28.13 22.52 10.76
CA ILE C 151 -28.67 23.14 9.55
C ILE C 151 -27.78 24.34 9.24
N ALA C 152 -27.79 25.33 10.12
CA ALA C 152 -27.00 26.55 9.97
C ALA C 152 -25.54 26.32 9.56
N ALA C 153 -24.89 25.34 10.16
CA ALA C 153 -23.51 25.05 9.82
C ALA C 153 -23.41 24.58 8.37
N ASN C 154 -24.15 23.53 8.04
CA ASN C 154 -24.15 22.98 6.69
C ASN C 154 -24.69 23.89 5.59
N ALA C 155 -25.70 24.71 5.88
CA ALA C 155 -26.24 25.60 4.86
C ALA C 155 -25.22 26.67 4.54
N VAL C 156 -24.58 27.21 5.58
CA VAL C 156 -23.58 28.25 5.39
C VAL C 156 -22.45 27.66 4.57
N ASN C 157 -22.24 26.36 4.72
CA ASN C 157 -21.17 25.71 3.97
C ASN C 157 -21.47 25.65 2.49
N GLY C 158 -22.73 25.39 2.14
CA GLY C 158 -23.10 25.33 0.74
C GLY C 158 -22.90 26.70 0.12
N ILE C 159 -23.36 27.71 0.82
CA ILE C 159 -23.23 29.07 0.34
C ILE C 159 -21.78 29.45 0.09
N VAL C 160 -20.88 29.02 0.95
CA VAL C 160 -19.47 29.36 0.80
C VAL C 160 -18.72 28.63 -0.32
N THR C 161 -18.80 27.32 -0.34
CA THR C 161 -18.09 26.56 -1.34
C THR C 161 -18.75 26.60 -2.71
N PHE C 162 -20.07 26.52 -2.77
CA PHE C 162 -20.79 26.51 -4.05
C PHE C 162 -21.15 27.89 -4.63
N THR C 163 -20.51 28.96 -4.16
CA THR C 163 -20.78 30.30 -4.69
C THR C 163 -19.51 30.98 -5.22
N HIS C 164 -18.38 30.29 -5.14
CA HIS C 164 -17.05 30.80 -5.59
C HIS C 164 -16.91 31.75 -6.79
N GLU C 165 -17.67 31.48 -7.85
CA GLU C 165 -17.66 32.27 -9.08
C GLU C 165 -17.90 33.78 -8.90
N GLN C 166 -18.82 34.15 -8.01
CA GLN C 166 -19.11 35.55 -7.79
C GLN C 166 -18.03 36.31 -7.01
N ASN C 167 -18.27 37.60 -6.82
CA ASN C 167 -17.34 38.49 -6.12
C ASN C 167 -17.32 38.41 -4.59
N ILE C 168 -16.20 38.84 -3.99
CA ILE C 168 -16.02 38.89 -2.54
C ILE C 168 -17.11 39.74 -1.89
N ASN C 169 -17.16 41.02 -2.26
CA ASN C 169 -18.15 41.95 -1.72
C ASN C 169 -19.54 41.61 -2.19
N GLU C 170 -19.63 40.64 -3.08
CA GLU C 170 -20.91 40.19 -3.57
C GLU C 170 -21.31 39.02 -2.68
N ARG C 171 -20.34 38.13 -2.45
CA ARG C 171 -20.54 36.95 -1.60
C ARG C 171 -20.83 37.44 -0.19
N ILE C 172 -19.99 38.35 0.29
CA ILE C 172 -20.16 38.89 1.64
C ILE C 172 -21.60 39.37 1.78
N LYS C 173 -22.11 40.01 0.73
CA LYS C 173 -23.48 40.52 0.77
C LYS C 173 -24.54 39.43 0.66
N LEU C 174 -24.29 38.44 -0.18
CA LEU C 174 -25.24 37.35 -0.35
C LEU C 174 -25.39 36.57 0.96
N MET C 175 -24.29 36.46 1.70
CA MET C 175 -24.26 35.75 2.96
C MET C 175 -25.08 36.48 4.02
N ASN C 176 -24.87 37.80 4.10
CA ASN C 176 -25.57 38.63 5.04
C ASN C 176 -27.07 38.41 4.88
N LYS C 177 -27.53 38.51 3.64
CA LYS C 177 -28.94 38.31 3.33
C LYS C 177 -29.40 36.96 3.90
N PHE C 178 -28.63 35.92 3.66
CA PHE C 178 -28.97 34.61 4.18
C PHE C 178 -29.12 34.65 5.69
N SER C 179 -28.08 35.16 6.37
CA SER C 179 -28.08 35.26 7.82
C SER C 179 -29.41 35.85 8.30
N GLN C 180 -29.80 36.95 7.67
CA GLN C 180 -31.04 37.66 7.97
C GLN C 180 -32.23 36.69 7.92
N ILE C 181 -32.54 36.26 6.71
CA ILE C 181 -33.63 35.34 6.49
C ILE C 181 -33.63 34.18 7.49
N PHE C 182 -32.44 33.73 7.89
CA PHE C 182 -32.35 32.61 8.82
C PHE C 182 -32.67 33.04 10.23
N LEU C 183 -32.18 34.23 10.59
CA LEU C 183 -32.42 34.77 11.91
C LEU C 183 -33.88 35.16 12.10
N ASN C 184 -34.78 34.46 11.44
CA ASN C 184 -36.20 34.74 11.56
C ASN C 184 -36.98 33.49 11.80
N GLY C 185 -36.86 32.53 10.91
CA GLY C 185 -37.59 31.28 11.10
C GLY C 185 -37.42 30.83 12.54
N LEU C 186 -36.48 31.50 13.21
CA LEU C 186 -36.17 31.23 14.61
C LEU C 186 -37.09 31.98 15.59
N SER C 187 -37.26 33.29 15.36
CA SER C 187 -38.08 34.16 16.22
C SER C 187 -39.29 33.51 16.92
N LYS C 188 -40.45 33.54 16.25
CA LYS C 188 -41.68 32.95 16.81
C LYS C 188 -41.89 31.50 16.34
N HIS C 189 -43.07 30.95 16.61
CA HIS C 189 -43.36 29.56 16.22
C HIS C 189 -44.62 29.42 15.37
N ASN D 2 3.40 -11.98 -26.17
CA ASN D 2 4.62 -11.63 -26.94
C ASN D 2 5.54 -10.69 -26.18
N LEU D 3 5.29 -9.38 -26.28
CA LEU D 3 6.13 -8.44 -25.56
C LEU D 3 6.03 -8.87 -24.10
N LYS D 4 4.98 -9.63 -23.79
CA LYS D 4 4.79 -10.13 -22.43
C LYS D 4 5.86 -11.19 -22.21
N ASP D 5 5.96 -12.10 -23.17
CA ASP D 5 6.94 -13.18 -23.11
C ASP D 5 8.34 -12.62 -23.02
N LYS D 6 8.63 -11.61 -23.81
CA LYS D 6 9.95 -11.02 -23.79
C LYS D 6 10.26 -10.59 -22.38
N ILE D 7 9.30 -9.92 -21.75
CA ILE D 7 9.49 -9.46 -20.37
C ILE D 7 9.79 -10.62 -19.44
N LEU D 8 9.01 -11.70 -19.56
CA LEU D 8 9.22 -12.89 -18.73
C LEU D 8 10.64 -13.41 -18.93
N GLY D 9 11.04 -13.53 -20.19
CA GLY D 9 12.37 -14.02 -20.49
C GLY D 9 13.47 -13.19 -19.86
N VAL D 10 13.43 -11.90 -20.12
CA VAL D 10 14.45 -11.00 -19.60
C VAL D 10 14.46 -10.88 -18.07
N ALA D 11 13.28 -10.84 -17.46
CA ALA D 11 13.19 -10.70 -16.02
C ALA D 11 13.79 -11.90 -15.30
N LYS D 12 13.85 -13.04 -15.97
CA LYS D 12 14.41 -14.23 -15.36
C LYS D 12 15.91 -14.02 -15.32
N GLU D 13 16.53 -13.90 -16.49
CA GLU D 13 17.96 -13.70 -16.57
C GLU D 13 18.40 -12.64 -15.57
N LEU D 14 17.74 -11.48 -15.58
CA LEU D 14 18.13 -10.42 -14.67
C LEU D 14 18.05 -10.84 -13.23
N PHE D 15 16.95 -11.48 -12.84
CA PHE D 15 16.78 -11.94 -11.46
C PHE D 15 17.89 -12.93 -11.07
N ILE D 16 18.14 -13.88 -11.98
CA ILE D 16 19.16 -14.89 -11.80
C ILE D 16 20.50 -14.23 -11.57
N LYS D 17 20.81 -13.23 -12.40
CA LYS D 17 22.05 -12.48 -12.31
C LYS D 17 22.20 -11.54 -11.14
N ASN D 18 21.20 -10.71 -10.89
CA ASN D 18 21.33 -9.74 -9.82
C ASN D 18 20.50 -9.96 -8.58
N GLY D 19 19.56 -10.90 -8.63
CA GLY D 19 18.72 -11.12 -7.47
C GLY D 19 17.40 -10.38 -7.60
N TYR D 20 16.54 -10.51 -6.60
CA TYR D 20 15.25 -9.86 -6.67
C TYR D 20 15.33 -8.34 -6.60
N ASN D 21 15.55 -7.81 -5.40
CA ASN D 21 15.65 -6.36 -5.18
C ASN D 21 16.60 -5.62 -6.10
N ALA D 22 17.58 -6.32 -6.62
CA ALA D 22 18.58 -5.72 -7.46
C ALA D 22 18.16 -5.54 -8.91
N THR D 23 17.21 -6.32 -9.37
CA THR D 23 16.75 -6.19 -10.74
C THR D 23 15.66 -5.14 -10.75
N THR D 24 15.85 -4.10 -11.54
CA THR D 24 14.89 -3.01 -11.62
C THR D 24 13.91 -3.18 -12.74
N THR D 25 12.71 -2.63 -12.59
CA THR D 25 11.72 -2.76 -13.64
C THR D 25 12.24 -1.98 -14.86
N GLY D 26 12.92 -0.88 -14.60
CA GLY D 26 13.44 -0.10 -15.71
C GLY D 26 14.37 -0.91 -16.58
N GLU D 27 15.19 -1.73 -15.95
CA GLU D 27 16.12 -2.55 -16.71
C GLU D 27 15.42 -3.63 -17.50
N ILE D 28 14.41 -4.23 -16.90
CA ILE D 28 13.67 -5.26 -17.58
C ILE D 28 13.07 -4.65 -18.83
N VAL D 29 12.32 -3.57 -18.66
CA VAL D 29 11.68 -2.95 -19.84
C VAL D 29 12.70 -2.57 -20.91
N LYS D 30 13.81 -1.98 -20.50
CA LYS D 30 14.84 -1.59 -21.46
C LYS D 30 15.13 -2.77 -22.38
N LEU D 31 15.68 -3.83 -21.81
CA LEU D 31 16.05 -5.02 -22.56
C LEU D 31 14.89 -5.70 -23.27
N SER D 32 13.70 -5.68 -22.68
CA SER D 32 12.54 -6.30 -23.32
C SER D 32 12.06 -5.43 -24.46
N GLU D 33 12.52 -4.19 -24.49
CA GLU D 33 12.11 -3.24 -25.49
C GLU D 33 10.60 -3.06 -25.37
N SER D 34 10.14 -2.87 -24.14
CA SER D 34 8.73 -2.66 -23.86
C SER D 34 8.69 -1.54 -22.83
N SER D 35 7.57 -1.37 -22.14
CA SER D 35 7.48 -0.27 -21.19
C SER D 35 7.01 -0.62 -19.80
N LYS D 36 7.32 0.23 -18.84
CA LYS D 36 6.87 -0.03 -17.48
C LYS D 36 5.36 -0.15 -17.54
N GLY D 37 4.74 0.74 -18.31
CA GLY D 37 3.30 0.72 -18.45
C GLY D 37 2.78 -0.65 -18.88
N ASN D 38 3.44 -1.21 -19.88
CA ASN D 38 3.02 -2.50 -20.38
C ASN D 38 3.26 -3.62 -19.37
N LEU D 39 4.42 -3.57 -18.71
CA LEU D 39 4.77 -4.60 -17.75
C LEU D 39 3.81 -4.61 -16.58
N TYR D 40 3.41 -3.43 -16.14
CA TYR D 40 2.50 -3.37 -15.01
C TYR D 40 1.07 -3.42 -15.42
N TYR D 41 0.86 -3.91 -16.62
CA TYR D 41 -0.48 -4.06 -17.18
C TYR D 41 -0.62 -5.56 -17.35
N HIS D 42 0.52 -6.20 -17.55
CA HIS D 42 0.58 -7.64 -17.71
C HIS D 42 0.75 -8.36 -16.36
N PHE D 43 1.35 -7.69 -15.38
CA PHE D 43 1.54 -8.25 -14.04
C PHE D 43 1.23 -7.14 -13.04
N LYS D 44 0.33 -7.41 -12.12
CA LYS D 44 -0.07 -6.39 -11.16
C LYS D 44 1.14 -5.74 -10.55
N THR D 45 2.08 -6.55 -10.07
CA THR D 45 3.28 -6.00 -9.42
C THR D 45 4.56 -6.79 -9.64
N LYS D 46 5.69 -6.17 -9.29
CA LYS D 46 6.99 -6.80 -9.46
C LYS D 46 7.01 -8.15 -8.81
N GLU D 47 6.49 -8.21 -7.61
CA GLU D 47 6.44 -9.48 -6.87
C GLU D 47 5.66 -10.52 -7.64
N ASN D 48 4.49 -10.10 -8.12
CA ASN D 48 3.64 -10.99 -8.90
C ASN D 48 4.41 -11.47 -10.14
N LEU D 49 5.15 -10.55 -10.77
CA LEU D 49 5.90 -10.93 -11.94
C LEU D 49 6.80 -12.10 -11.56
N PHE D 50 7.46 -11.96 -10.42
CA PHE D 50 8.37 -12.99 -9.92
C PHE D 50 7.73 -14.35 -9.71
N LEU D 51 6.58 -14.36 -9.04
CA LEU D 51 5.89 -15.62 -8.79
C LEU D 51 5.50 -16.24 -10.12
N GLU D 52 5.02 -15.40 -11.03
CA GLU D 52 4.66 -15.86 -12.37
C GLU D 52 5.82 -16.62 -12.95
N ILE D 53 6.98 -15.99 -12.90
CA ILE D 53 8.19 -16.61 -13.40
C ILE D 53 8.42 -17.94 -12.69
N LEU D 54 8.25 -17.93 -11.37
CA LEU D 54 8.44 -19.13 -10.58
C LEU D 54 7.56 -20.28 -11.04
N ASN D 55 6.28 -19.99 -11.33
CA ASN D 55 5.35 -21.00 -11.80
C ASN D 55 5.82 -21.65 -13.09
N ILE D 56 6.11 -20.81 -14.07
CA ILE D 56 6.55 -21.31 -15.36
C ILE D 56 7.73 -22.22 -15.12
N GLU D 57 8.64 -21.75 -14.26
CA GLU D 57 9.87 -22.43 -13.94
C GLU D 57 9.74 -23.82 -13.33
N GLU D 58 8.96 -23.93 -12.26
CA GLU D 58 8.79 -25.21 -11.61
C GLU D 58 8.26 -26.20 -12.65
N SER D 59 7.17 -25.84 -13.33
CA SER D 59 6.58 -26.73 -14.33
C SER D 59 7.49 -27.00 -15.51
N LYS D 60 8.22 -26.02 -15.98
CA LYS D 60 9.10 -26.34 -17.09
C LYS D 60 10.05 -27.43 -16.56
N TRP D 61 10.38 -27.33 -15.27
CA TRP D 61 11.26 -28.31 -14.61
C TRP D 61 10.54 -29.65 -14.50
N GLN D 62 9.30 -29.61 -14.02
CA GLN D 62 8.52 -30.81 -13.85
C GLN D 62 8.53 -31.61 -15.14
N GLU D 63 8.70 -30.92 -16.27
CA GLU D 63 8.73 -31.57 -17.57
C GLU D 63 10.06 -32.22 -17.81
N GLN D 64 11.14 -31.46 -17.68
CA GLN D 64 12.48 -32.01 -17.87
C GLN D 64 12.65 -33.33 -17.11
N TRP D 65 12.20 -33.35 -15.85
CA TRP D 65 12.29 -34.54 -15.01
C TRP D 65 11.40 -35.64 -15.61
N LYS D 66 10.12 -35.31 -15.79
CA LYS D 66 9.15 -36.23 -16.37
C LYS D 66 9.77 -37.01 -17.53
N LYS D 67 10.54 -36.30 -18.35
CA LYS D 67 11.16 -36.93 -19.51
C LYS D 67 12.44 -37.69 -19.16
N GLU D 68 13.33 -37.08 -18.38
CA GLU D 68 14.60 -37.72 -18.04
C GLU D 68 14.52 -38.93 -17.12
N GLN D 69 13.52 -38.98 -16.27
CA GLN D 69 13.38 -40.09 -15.34
C GLN D 69 13.02 -41.39 -16.01
N ILE D 70 13.18 -41.46 -17.31
CA ILE D 70 12.86 -42.70 -18.01
C ILE D 70 14.16 -43.38 -18.40
N LYS D 71 15.23 -42.60 -18.50
CA LYS D 71 16.53 -43.15 -18.85
C LYS D 71 17.04 -44.00 -17.68
N ALA D 72 16.26 -44.05 -16.59
CA ALA D 72 16.64 -44.79 -15.39
C ALA D 72 15.78 -46.02 -15.12
N LYS D 73 16.41 -47.13 -14.74
CA LYS D 73 15.67 -48.37 -14.49
C LYS D 73 15.40 -48.64 -13.01
N THR D 74 16.15 -47.99 -12.13
CA THR D 74 15.97 -48.19 -10.70
C THR D 74 15.84 -46.86 -10.00
N ASN D 75 15.12 -46.85 -8.87
CA ASN D 75 14.95 -45.62 -8.10
C ASN D 75 16.33 -45.17 -7.67
N ARG D 76 17.22 -46.12 -7.42
CA ARG D 76 18.56 -45.72 -7.05
C ARG D 76 19.05 -44.83 -8.20
N GLU D 77 18.78 -45.26 -9.44
CA GLU D 77 19.16 -44.51 -10.62
C GLU D 77 18.52 -43.12 -10.66
N LYS D 78 17.21 -43.05 -10.50
CA LYS D 78 16.51 -41.77 -10.53
C LYS D 78 17.10 -40.77 -9.56
N PHE D 79 17.49 -41.24 -8.38
CA PHE D 79 18.05 -40.35 -7.38
C PHE D 79 19.28 -39.66 -7.97
N TYR D 80 20.21 -40.43 -8.52
CA TYR D 80 21.41 -39.81 -9.09
C TYR D 80 21.03 -38.83 -10.18
N LEU D 81 20.12 -39.23 -11.07
CA LEU D 81 19.68 -38.36 -12.16
C LEU D 81 19.05 -37.09 -11.66
N TYR D 82 18.00 -37.22 -10.88
CA TYR D 82 17.31 -36.08 -10.33
C TYR D 82 18.29 -35.06 -9.78
N ASN D 83 19.26 -35.53 -9.01
CA ASN D 83 20.24 -34.62 -8.43
C ASN D 83 21.14 -33.97 -9.49
N GLU D 84 21.50 -34.74 -10.52
CA GLU D 84 22.34 -34.18 -11.57
C GLU D 84 21.50 -33.15 -12.33
N LEU D 85 20.34 -33.60 -12.81
CA LEU D 85 19.43 -32.75 -13.55
C LEU D 85 19.22 -31.48 -12.73
N SER D 86 19.21 -31.63 -11.41
CA SER D 86 19.02 -30.49 -10.54
C SER D 86 20.06 -29.38 -10.73
N LEU D 87 21.24 -29.72 -11.21
CA LEU D 87 22.24 -28.67 -11.36
C LEU D 87 22.75 -28.48 -12.78
N THR D 88 21.98 -28.91 -13.77
CA THR D 88 22.36 -28.71 -15.17
C THR D 88 21.20 -27.94 -15.81
N THR D 89 19.99 -28.22 -15.33
CA THR D 89 18.77 -27.58 -15.80
C THR D 89 18.85 -26.07 -15.70
N GLU D 90 18.14 -25.36 -16.58
CA GLU D 90 18.12 -23.91 -16.50
C GLU D 90 16.80 -23.52 -15.87
N TYR D 91 16.12 -24.50 -15.29
CA TYR D 91 14.85 -24.20 -14.68
C TYR D 91 14.81 -24.21 -13.19
N TYR D 92 14.14 -23.20 -12.65
CA TYR D 92 13.94 -23.07 -11.23
C TYR D 92 15.21 -22.97 -10.36
N TYR D 93 15.96 -24.05 -10.25
CA TYR D 93 17.16 -24.06 -9.42
C TYR D 93 18.07 -22.85 -9.62
N PRO D 94 18.28 -22.42 -10.88
CA PRO D 94 19.16 -21.28 -11.10
C PRO D 94 18.75 -19.97 -10.47
N LEU D 95 17.58 -19.90 -9.84
CA LEU D 95 17.21 -18.65 -9.25
C LEU D 95 16.90 -18.79 -7.80
N GLN D 96 17.57 -19.76 -7.20
CA GLN D 96 17.41 -20.07 -5.77
C GLN D 96 17.81 -18.86 -4.94
N ASN D 97 18.85 -18.16 -5.39
CA ASN D 97 19.34 -16.96 -4.73
C ASN D 97 18.19 -15.97 -4.57
N ALA D 98 17.60 -15.60 -5.71
CA ALA D 98 16.48 -14.68 -5.76
C ALA D 98 15.33 -15.19 -4.90
N ILE D 99 15.13 -16.49 -4.93
CA ILE D 99 14.08 -17.08 -4.12
C ILE D 99 14.37 -16.83 -2.65
N ILE D 100 15.55 -17.27 -2.19
CA ILE D 100 15.95 -17.11 -0.78
C ILE D 100 15.67 -15.67 -0.39
N GLU D 101 16.30 -14.78 -1.13
CA GLU D 101 16.13 -13.37 -0.90
C GLU D 101 14.64 -13.09 -0.78
N PHE D 102 13.92 -13.31 -1.87
CA PHE D 102 12.49 -13.05 -1.89
C PHE D 102 11.72 -13.67 -0.73
N TYR D 103 12.02 -14.92 -0.38
CA TYR D 103 11.31 -15.62 0.68
C TYR D 103 11.44 -14.89 2.01
N THR D 104 12.66 -14.60 2.45
CA THR D 104 12.89 -13.94 3.73
C THR D 104 12.22 -12.59 3.79
N GLU D 105 12.46 -11.77 2.77
CA GLU D 105 11.89 -10.43 2.73
C GLU D 105 10.38 -10.44 2.81
N TYR D 106 9.74 -11.45 2.25
CA TYR D 106 8.29 -11.52 2.28
C TYR D 106 7.75 -12.62 3.17
N TYR D 107 8.60 -13.18 4.02
CA TYR D 107 8.22 -14.25 4.93
C TYR D 107 6.88 -14.03 5.64
N LYS D 108 6.55 -12.77 5.90
CA LYS D 108 5.31 -12.45 6.64
C LYS D 108 4.03 -12.42 5.80
N THR D 109 4.09 -11.90 4.57
CA THR D 109 2.91 -11.86 3.69
C THR D 109 2.50 -13.29 3.35
N ASN D 110 1.42 -13.75 3.96
CA ASN D 110 0.93 -15.11 3.73
C ASN D 110 0.72 -15.50 2.28
N SER D 111 0.11 -14.62 1.50
CA SER D 111 -0.11 -14.87 0.07
C SER D 111 1.14 -15.51 -0.51
N ILE D 112 2.25 -14.79 -0.39
CA ILE D 112 3.55 -15.21 -0.88
C ILE D 112 4.04 -16.48 -0.21
N ASN D 113 4.04 -16.48 1.12
CA ASN D 113 4.50 -17.61 1.91
C ASN D 113 3.91 -18.92 1.38
N GLU D 114 2.59 -19.03 1.38
CA GLU D 114 1.90 -20.23 0.89
C GLU D 114 2.45 -20.63 -0.48
N LYS D 115 2.29 -19.73 -1.43
CA LYS D 115 2.74 -19.92 -2.82
C LYS D 115 4.17 -20.46 -2.86
N MET D 116 5.06 -19.78 -2.16
CA MET D 116 6.46 -20.15 -2.10
C MET D 116 6.71 -21.54 -1.54
N ASN D 117 6.02 -21.86 -0.46
CA ASN D 117 6.17 -23.18 0.16
C ASN D 117 5.64 -24.28 -0.73
N LYS D 118 4.43 -24.09 -1.23
CA LYS D 118 3.82 -25.06 -2.12
C LYS D 118 4.81 -25.41 -3.22
N LEU D 119 5.47 -24.40 -3.75
CA LEU D 119 6.44 -24.61 -4.81
C LEU D 119 7.57 -25.50 -4.34
N GLU D 120 8.08 -25.23 -3.15
CA GLU D 120 9.19 -26.01 -2.62
C GLU D 120 8.76 -27.42 -2.30
N ASN D 121 7.58 -27.56 -1.72
CA ASN D 121 7.10 -28.88 -1.41
C ASN D 121 7.09 -29.78 -2.65
N LYS D 122 6.71 -29.26 -3.80
CA LYS D 122 6.73 -30.06 -5.01
C LYS D 122 8.10 -30.73 -5.16
N TYR D 123 9.18 -30.01 -4.89
CA TYR D 123 10.50 -30.63 -5.03
C TYR D 123 10.73 -31.66 -3.94
N ILE D 124 10.26 -31.41 -2.73
CA ILE D 124 10.46 -32.39 -1.68
C ILE D 124 9.69 -33.66 -2.01
N ASP D 125 8.48 -33.53 -2.55
CA ASP D 125 7.65 -34.67 -2.89
C ASP D 125 8.33 -35.56 -3.91
N ALA D 126 8.96 -34.93 -4.89
CA ALA D 126 9.63 -35.68 -5.92
C ALA D 126 10.56 -36.71 -5.28
N TYR D 127 11.26 -36.28 -4.22
CA TYR D 127 12.20 -37.15 -3.51
C TYR D 127 11.42 -38.21 -2.77
N HIS D 128 10.36 -37.78 -2.12
CA HIS D 128 9.52 -38.68 -1.37
C HIS D 128 9.06 -39.80 -2.28
N VAL D 129 8.72 -39.47 -3.51
CA VAL D 129 8.27 -40.48 -4.45
C VAL D 129 9.43 -41.44 -4.70
N ILE D 130 10.56 -40.92 -5.12
CA ILE D 130 11.71 -41.78 -5.37
C ILE D 130 11.99 -42.72 -4.20
N PHE D 131 11.97 -42.17 -2.99
CA PHE D 131 12.24 -42.94 -1.80
C PHE D 131 11.16 -43.98 -1.52
N LYS D 132 9.90 -43.57 -1.55
CA LYS D 132 8.79 -44.48 -1.31
C LYS D 132 8.79 -45.61 -2.32
N GLU D 133 8.96 -45.29 -3.60
CA GLU D 133 8.99 -46.30 -4.64
C GLU D 133 10.12 -47.24 -4.31
N GLY D 134 11.31 -46.66 -4.11
CA GLY D 134 12.50 -47.43 -3.77
C GLY D 134 12.24 -48.39 -2.61
N ASN D 135 11.40 -47.95 -1.67
CA ASN D 135 11.05 -48.77 -0.53
C ASN D 135 10.31 -49.99 -1.02
N LEU D 136 9.11 -49.79 -1.58
CA LEU D 136 8.31 -50.90 -2.08
C LEU D 136 9.04 -51.76 -3.09
N ASN D 137 10.12 -51.27 -3.67
CA ASN D 137 10.83 -52.08 -4.63
C ASN D 137 12.00 -52.79 -3.98
N GLY D 138 12.15 -52.57 -2.69
CA GLY D 138 13.22 -53.21 -1.96
C GLY D 138 14.61 -52.72 -2.28
N GLU D 139 14.73 -51.52 -2.81
CA GLU D 139 16.04 -51.00 -3.12
C GLU D 139 16.76 -50.53 -1.85
N TRP D 140 15.99 -50.26 -0.81
CA TRP D 140 16.50 -49.79 0.46
C TRP D 140 15.33 -49.81 1.44
N SER D 141 15.61 -49.48 2.71
CA SER D 141 14.55 -49.46 3.70
C SER D 141 14.63 -48.21 4.53
N ILE D 142 13.67 -47.30 4.32
CA ILE D 142 13.66 -46.04 5.02
C ILE D 142 12.40 -45.92 5.85
N ASN D 143 12.56 -45.82 7.17
CA ASN D 143 11.38 -45.74 8.02
C ASN D 143 10.79 -44.37 8.11
N ASP D 144 11.57 -43.33 7.79
CA ASP D 144 11.01 -41.98 7.84
C ASP D 144 11.29 -41.28 6.52
N VAL D 145 10.58 -41.64 5.45
CA VAL D 145 10.87 -41.03 4.17
C VAL D 145 10.49 -39.57 4.17
N ASN D 146 9.64 -39.16 5.09
CA ASN D 146 9.27 -37.76 5.13
C ASN D 146 10.49 -36.91 5.46
N ALA D 147 11.22 -37.34 6.47
CA ALA D 147 12.41 -36.66 6.92
C ALA D 147 13.55 -36.75 5.91
N VAL D 148 13.85 -37.96 5.46
CA VAL D 148 14.94 -38.16 4.52
C VAL D 148 14.68 -37.37 3.26
N SER D 149 13.40 -37.19 2.92
CA SER D 149 13.05 -36.41 1.74
C SER D 149 13.46 -34.94 1.96
N LYS D 150 13.01 -34.34 3.06
CA LYS D 150 13.36 -32.96 3.36
C LYS D 150 14.89 -32.80 3.42
N ILE D 151 15.58 -33.74 4.04
CA ILE D 151 17.03 -33.68 4.14
C ILE D 151 17.63 -33.70 2.73
N ALA D 152 17.34 -34.77 1.99
CA ALA D 152 17.85 -34.93 0.63
C ALA D 152 17.61 -33.68 -0.20
N ALA D 153 16.40 -33.13 -0.08
CA ALA D 153 16.07 -31.93 -0.84
C ALA D 153 16.90 -30.70 -0.44
N ASN D 154 16.91 -30.35 0.82
CA ASN D 154 17.67 -29.18 1.25
C ASN D 154 19.16 -29.37 1.16
N ALA D 155 19.63 -30.60 1.31
CA ALA D 155 21.05 -30.89 1.22
C ALA D 155 21.48 -30.67 -0.22
N VAL D 156 20.77 -31.31 -1.14
CA VAL D 156 21.07 -31.22 -2.56
C VAL D 156 20.95 -29.77 -3.03
N ASN D 157 20.15 -29.00 -2.33
CA ASN D 157 19.93 -27.60 -2.65
C ASN D 157 21.16 -26.78 -2.33
N GLY D 158 21.79 -27.11 -1.21
CA GLY D 158 22.98 -26.39 -0.82
C GLY D 158 24.09 -26.69 -1.79
N ILE D 159 24.31 -27.95 -2.10
CA ILE D 159 25.37 -28.29 -3.01
C ILE D 159 25.17 -27.47 -4.27
N VAL D 160 23.93 -27.34 -4.70
CA VAL D 160 23.60 -26.60 -5.92
C VAL D 160 23.75 -25.11 -5.87
N THR D 161 23.19 -24.46 -4.87
CA THR D 161 23.30 -23.02 -4.88
C THR D 161 24.62 -22.47 -4.40
N PHE D 162 25.25 -23.17 -3.47
CA PHE D 162 26.49 -22.67 -2.92
C PHE D 162 27.82 -23.14 -3.55
N THR D 163 27.81 -23.44 -4.85
CA THR D 163 29.02 -23.84 -5.53
C THR D 163 29.14 -23.19 -6.91
N HIS D 164 28.59 -21.99 -7.06
CA HIS D 164 28.59 -21.26 -8.34
C HIS D 164 29.93 -20.97 -9.07
N GLU D 165 31.06 -21.39 -8.49
CA GLU D 165 32.37 -21.13 -9.07
C GLU D 165 33.07 -22.32 -9.75
N GLN D 166 32.53 -23.52 -9.57
CA GLN D 166 33.17 -24.66 -10.18
C GLN D 166 32.60 -24.86 -11.58
N ASN D 167 33.31 -25.66 -12.38
CA ASN D 167 32.90 -25.95 -13.75
C ASN D 167 31.82 -27.03 -13.68
N ILE D 168 30.69 -26.76 -14.33
CA ILE D 168 29.55 -27.66 -14.35
C ILE D 168 29.88 -29.14 -14.36
N ASN D 169 30.81 -29.56 -15.20
CA ASN D 169 31.15 -30.97 -15.27
C ASN D 169 31.89 -31.45 -14.05
N GLU D 170 32.48 -30.51 -13.31
CA GLU D 170 33.21 -30.84 -12.09
C GLU D 170 32.19 -30.87 -10.94
N ARG D 171 31.06 -30.20 -11.16
CA ARG D 171 30.01 -30.13 -10.17
C ARG D 171 29.16 -31.38 -10.22
N ILE D 172 28.86 -31.88 -11.42
CA ILE D 172 28.08 -33.10 -11.47
C ILE D 172 28.96 -34.21 -10.87
N LYS D 173 30.20 -33.86 -10.55
CA LYS D 173 31.10 -34.83 -9.95
C LYS D 173 30.91 -34.83 -8.44
N LEU D 174 30.83 -33.65 -7.83
CA LEU D 174 30.61 -33.57 -6.39
C LEU D 174 29.26 -34.20 -6.08
N MET D 175 28.23 -33.64 -6.72
CA MET D 175 26.86 -34.09 -6.54
C MET D 175 26.80 -35.59 -6.59
N ASN D 176 27.46 -36.17 -7.59
CA ASN D 176 27.44 -37.61 -7.71
C ASN D 176 28.10 -38.31 -6.54
N LYS D 177 29.23 -37.79 -6.07
CA LYS D 177 29.91 -38.37 -4.93
C LYS D 177 28.83 -38.36 -3.85
N PHE D 178 28.27 -37.18 -3.61
CA PHE D 178 27.21 -37.00 -2.62
C PHE D 178 26.12 -38.08 -2.70
N SER D 179 25.46 -38.18 -3.85
CA SER D 179 24.40 -39.16 -4.00
C SER D 179 24.85 -40.55 -3.55
N GLN D 180 26.12 -40.87 -3.81
CA GLN D 180 26.66 -42.16 -3.44
C GLN D 180 26.73 -42.31 -1.93
N ILE D 181 27.27 -41.29 -1.28
CA ILE D 181 27.38 -41.25 0.17
C ILE D 181 25.98 -41.45 0.72
N PHE D 182 25.14 -40.45 0.49
CA PHE D 182 23.78 -40.43 0.97
C PHE D 182 23.08 -41.74 0.79
N LEU D 183 23.03 -42.22 -0.44
CA LEU D 183 22.36 -43.48 -0.72
C LEU D 183 22.97 -44.60 0.09
N ASN D 184 24.28 -44.61 0.17
CA ASN D 184 24.98 -45.65 0.90
C ASN D 184 24.67 -45.58 2.38
N GLY D 185 24.83 -44.40 2.96
CA GLY D 185 24.53 -44.24 4.36
C GLY D 185 23.08 -44.53 4.70
N LEU D 186 22.29 -44.91 3.70
CA LEU D 186 20.88 -45.20 3.92
C LEU D 186 20.61 -46.66 4.20
N SER D 187 21.66 -47.48 4.19
CA SER D 187 21.49 -48.90 4.43
C SER D 187 22.26 -49.43 5.65
N LYS D 188 21.77 -50.53 6.20
CA LYS D 188 22.39 -51.21 7.33
C LYS D 188 23.86 -51.49 6.98
N HIS D 189 24.69 -51.66 8.00
CA HIS D 189 26.11 -51.93 7.76
C HIS D 189 26.67 -52.91 8.79
N ASN E 2 -25.55 -1.00 -26.76
CA ASN E 2 -26.03 -1.15 -25.35
C ASN E 2 -24.88 -1.13 -24.33
N LEU E 3 -23.69 -1.55 -24.74
CA LEU E 3 -22.57 -1.51 -23.82
C LEU E 3 -22.42 -0.07 -23.44
N LYS E 4 -22.76 0.84 -24.36
CA LYS E 4 -22.64 2.26 -24.04
C LYS E 4 -23.54 2.57 -22.86
N ASP E 5 -24.64 1.82 -22.73
CA ASP E 5 -25.54 2.03 -21.61
C ASP E 5 -24.95 1.40 -20.37
N LYS E 6 -24.53 0.14 -20.53
CA LYS E 6 -23.88 -0.63 -19.47
C LYS E 6 -22.79 0.29 -18.91
N ILE E 7 -21.85 0.66 -19.78
CA ILE E 7 -20.75 1.54 -19.44
C ILE E 7 -21.22 2.81 -18.75
N LEU E 8 -22.08 3.60 -19.38
CA LEU E 8 -22.58 4.82 -18.73
C LEU E 8 -23.02 4.46 -17.31
N GLY E 9 -23.67 3.30 -17.21
CA GLY E 9 -24.19 2.80 -15.96
C GLY E 9 -23.15 2.62 -14.88
N VAL E 10 -22.20 1.69 -15.09
CA VAL E 10 -21.17 1.45 -14.10
C VAL E 10 -20.42 2.75 -13.82
N ALA E 11 -20.20 3.54 -14.85
CA ALA E 11 -19.46 4.76 -14.62
C ALA E 11 -20.21 5.71 -13.68
N LYS E 12 -21.54 5.61 -13.62
CA LYS E 12 -22.27 6.51 -12.73
C LYS E 12 -22.09 6.07 -11.28
N GLU E 13 -22.04 4.76 -11.08
CA GLU E 13 -21.83 4.16 -9.77
C GLU E 13 -20.50 4.69 -9.22
N LEU E 14 -19.43 4.33 -9.91
CA LEU E 14 -18.09 4.72 -9.54
C LEU E 14 -17.91 6.21 -9.33
N PHE E 15 -18.61 7.04 -10.08
CA PHE E 15 -18.40 8.47 -9.89
C PHE E 15 -19.12 8.89 -8.63
N ILE E 16 -20.27 8.28 -8.39
CA ILE E 16 -21.08 8.55 -7.21
C ILE E 16 -20.38 8.03 -5.96
N LYS E 17 -19.92 6.79 -6.07
CA LYS E 17 -19.24 6.09 -5.00
C LYS E 17 -17.80 6.53 -4.67
N ASN E 18 -16.96 6.75 -5.68
CA ASN E 18 -15.57 7.13 -5.40
C ASN E 18 -15.16 8.53 -5.85
N GLY E 19 -16.01 9.18 -6.63
CA GLY E 19 -15.69 10.50 -7.14
C GLY E 19 -14.99 10.45 -8.49
N TYR E 20 -14.66 11.62 -9.03
CA TYR E 20 -14.00 11.70 -10.33
C TYR E 20 -12.61 11.07 -10.42
N ASN E 21 -11.59 11.69 -9.83
CA ASN E 21 -10.23 11.15 -9.92
C ASN E 21 -10.05 9.72 -9.44
N ALA E 22 -10.88 9.29 -8.51
CA ALA E 22 -10.77 7.94 -7.96
C ALA E 22 -11.35 6.86 -8.88
N THR E 23 -12.25 7.25 -9.78
CA THR E 23 -12.86 6.31 -10.70
C THR E 23 -11.89 6.17 -11.87
N THR E 24 -11.49 4.95 -12.18
CA THR E 24 -10.56 4.77 -13.29
C THR E 24 -11.20 4.13 -14.50
N THR E 25 -10.66 4.44 -15.68
CA THR E 25 -11.22 3.86 -16.89
C THR E 25 -11.09 2.35 -16.81
N GLY E 26 -10.02 1.87 -16.19
CA GLY E 26 -9.84 0.45 -16.06
C GLY E 26 -10.93 -0.23 -15.24
N GLU E 27 -11.35 0.43 -14.17
CA GLU E 27 -12.40 -0.15 -13.33
C GLU E 27 -13.68 -0.19 -14.15
N ILE E 28 -14.00 0.96 -14.74
CA ILE E 28 -15.18 1.11 -15.62
C ILE E 28 -15.26 -0.02 -16.64
N VAL E 29 -14.15 -0.35 -17.30
CA VAL E 29 -14.24 -1.41 -18.27
C VAL E 29 -14.31 -2.76 -17.61
N LYS E 30 -13.82 -2.89 -16.38
CA LYS E 30 -13.88 -4.18 -15.68
C LYS E 30 -15.31 -4.49 -15.21
N LEU E 31 -15.97 -3.51 -14.63
CA LEU E 31 -17.32 -3.75 -14.15
C LEU E 31 -18.37 -3.82 -15.25
N SER E 32 -18.15 -3.08 -16.33
CA SER E 32 -19.05 -3.06 -17.48
C SER E 32 -18.75 -4.27 -18.34
N GLU E 33 -17.56 -4.81 -18.19
CA GLU E 33 -17.16 -5.99 -18.93
C GLU E 33 -17.02 -5.74 -20.41
N SER E 34 -16.37 -4.65 -20.76
CA SER E 34 -16.14 -4.31 -22.14
C SER E 34 -14.62 -4.26 -22.35
N SER E 35 -14.13 -3.24 -23.03
CA SER E 35 -12.70 -3.11 -23.27
C SER E 35 -12.31 -1.65 -23.35
N LYS E 36 -11.01 -1.35 -23.39
CA LYS E 36 -10.59 0.04 -23.50
C LYS E 36 -11.09 0.54 -24.85
N GLY E 37 -10.87 -0.28 -25.90
CA GLY E 37 -11.31 0.05 -27.24
C GLY E 37 -12.77 0.47 -27.27
N ASN E 38 -13.65 -0.39 -26.80
CA ASN E 38 -15.05 -0.03 -26.85
C ASN E 38 -15.36 1.22 -26.04
N LEU E 39 -14.80 1.32 -24.83
CA LEU E 39 -15.05 2.47 -23.98
C LEU E 39 -14.66 3.76 -24.70
N TYR E 40 -13.51 3.71 -25.35
CA TYR E 40 -13.02 4.89 -26.05
C TYR E 40 -13.62 5.10 -27.42
N TYR E 41 -14.32 4.09 -27.91
CA TYR E 41 -15.03 4.20 -29.16
C TYR E 41 -16.29 5.00 -28.86
N HIS E 42 -17.13 4.50 -27.94
CA HIS E 42 -18.35 5.20 -27.56
C HIS E 42 -18.16 6.51 -26.79
N PHE E 43 -16.96 6.79 -26.27
CA PHE E 43 -16.77 8.04 -25.53
C PHE E 43 -15.44 8.61 -25.93
N LYS E 44 -15.35 9.93 -25.97
CA LYS E 44 -14.10 10.56 -26.39
C LYS E 44 -13.06 10.55 -25.31
N THR E 45 -13.46 11.04 -24.15
CA THR E 45 -12.57 11.16 -23.02
C THR E 45 -13.35 10.94 -21.73
N LYS E 46 -12.64 10.58 -20.66
CA LYS E 46 -13.25 10.36 -19.35
C LYS E 46 -14.04 11.61 -19.02
N GLU E 47 -13.45 12.74 -19.38
CA GLU E 47 -14.09 14.01 -19.14
C GLU E 47 -15.46 14.08 -19.78
N ASN E 48 -15.51 13.83 -21.09
CA ASN E 48 -16.77 13.88 -21.80
C ASN E 48 -17.70 12.76 -21.36
N LEU E 49 -17.12 11.73 -20.73
CA LEU E 49 -17.93 10.61 -20.24
C LEU E 49 -18.71 11.22 -19.07
N PHE E 50 -17.97 11.91 -18.23
CA PHE E 50 -18.54 12.54 -17.07
C PHE E 50 -19.64 13.50 -17.48
N LEU E 51 -19.26 14.56 -18.20
CA LEU E 51 -20.21 15.57 -18.67
C LEU E 51 -21.46 15.01 -19.34
N GLU E 52 -21.33 13.91 -20.06
CA GLU E 52 -22.51 13.37 -20.68
C GLU E 52 -23.42 13.01 -19.54
N ILE E 53 -22.91 12.19 -18.62
CA ILE E 53 -23.69 11.75 -17.45
C ILE E 53 -24.34 12.87 -16.66
N LEU E 54 -23.61 13.95 -16.36
CA LEU E 54 -24.22 15.04 -15.63
C LEU E 54 -25.49 15.45 -16.35
N ASN E 55 -25.36 15.76 -17.64
CA ASN E 55 -26.51 16.18 -18.46
C ASN E 55 -27.61 15.13 -18.53
N ILE E 56 -27.23 13.89 -18.83
CA ILE E 56 -28.23 12.84 -18.90
C ILE E 56 -28.92 12.70 -17.54
N GLU E 57 -28.19 13.02 -16.48
CA GLU E 57 -28.73 12.91 -15.14
C GLU E 57 -29.65 14.10 -14.83
N GLU E 58 -29.12 15.31 -14.98
CA GLU E 58 -29.88 16.50 -14.70
C GLU E 58 -31.24 16.46 -15.39
N SER E 59 -31.31 15.82 -16.55
CA SER E 59 -32.57 15.74 -17.26
C SER E 59 -33.53 14.85 -16.50
N LYS E 60 -33.12 13.61 -16.20
CA LYS E 60 -33.98 12.70 -15.45
C LYS E 60 -34.47 13.33 -14.12
N TRP E 61 -33.70 14.29 -13.63
CA TRP E 61 -34.08 14.97 -12.41
C TRP E 61 -35.26 15.83 -12.76
N GLN E 62 -35.09 16.68 -13.78
CA GLN E 62 -36.15 17.57 -14.19
C GLN E 62 -37.44 16.85 -14.55
N GLU E 63 -37.33 15.63 -15.05
CA GLU E 63 -38.52 14.85 -15.38
C GLU E 63 -39.25 14.54 -14.07
N GLN E 64 -38.46 14.16 -13.08
CA GLN E 64 -38.92 13.80 -11.74
C GLN E 64 -39.68 14.98 -11.15
N TRP E 65 -39.04 16.13 -11.16
CA TRP E 65 -39.63 17.34 -10.62
C TRP E 65 -40.92 17.73 -11.33
N LYS E 66 -40.96 17.56 -12.65
CA LYS E 66 -42.16 17.90 -13.41
C LYS E 66 -43.33 17.07 -12.88
N LYS E 67 -43.09 15.81 -12.61
CA LYS E 67 -44.11 14.92 -12.11
C LYS E 67 -44.43 15.11 -10.62
N GLU E 68 -43.42 15.50 -9.84
CA GLU E 68 -43.59 15.67 -8.41
C GLU E 68 -44.25 16.96 -7.97
N GLN E 69 -43.97 18.06 -8.67
CA GLN E 69 -44.54 19.34 -8.31
C GLN E 69 -46.02 19.45 -8.63
N ILE E 70 -46.54 18.44 -9.34
CA ILE E 70 -47.95 18.39 -9.69
C ILE E 70 -48.71 18.15 -8.40
N LYS E 71 -48.28 17.11 -7.68
CA LYS E 71 -48.89 16.74 -6.42
C LYS E 71 -48.59 17.76 -5.32
N ALA E 72 -48.63 19.03 -5.69
CA ALA E 72 -48.39 20.14 -4.76
C ALA E 72 -49.24 21.31 -5.23
N LYS E 73 -49.83 22.05 -4.30
CA LYS E 73 -50.69 23.17 -4.65
C LYS E 73 -50.08 24.55 -4.53
N THR E 74 -49.38 24.81 -3.43
CA THR E 74 -48.76 26.12 -3.19
C THR E 74 -47.25 26.19 -3.41
N ASN E 75 -46.75 27.41 -3.62
CA ASN E 75 -45.32 27.60 -3.82
C ASN E 75 -44.56 27.19 -2.57
N ARG E 76 -45.06 27.60 -1.40
CA ARG E 76 -44.44 27.24 -0.14
C ARG E 76 -44.38 25.71 -0.07
N GLU E 77 -45.41 25.07 -0.59
CA GLU E 77 -45.53 23.63 -0.62
C GLU E 77 -44.51 23.06 -1.60
N LYS E 78 -44.23 23.82 -2.65
CA LYS E 78 -43.26 23.42 -3.67
C LYS E 78 -41.92 23.28 -2.98
N PHE E 79 -41.47 24.40 -2.40
CA PHE E 79 -40.22 24.49 -1.68
C PHE E 79 -39.94 23.22 -0.90
N TYR E 80 -40.72 22.99 0.15
CA TYR E 80 -40.53 21.79 0.96
C TYR E 80 -40.30 20.58 0.04
N LEU E 81 -41.19 20.40 -0.93
CA LEU E 81 -41.09 19.25 -1.86
C LEU E 81 -39.81 19.19 -2.70
N TYR E 82 -39.45 20.32 -3.30
CA TYR E 82 -38.25 20.37 -4.11
C TYR E 82 -37.11 19.92 -3.21
N ASN E 83 -36.88 20.69 -2.15
CA ASN E 83 -35.81 20.41 -1.20
C ASN E 83 -35.75 18.99 -0.69
N GLU E 84 -36.90 18.36 -0.47
CA GLU E 84 -36.91 16.99 0.03
C GLU E 84 -36.54 16.02 -1.09
N LEU E 85 -37.02 16.37 -2.28
CA LEU E 85 -36.77 15.58 -3.48
C LEU E 85 -35.28 15.54 -3.74
N SER E 86 -34.65 16.71 -3.64
CA SER E 86 -33.22 16.87 -3.88
C SER E 86 -32.41 16.27 -2.75
N LEU E 87 -32.95 15.21 -2.17
CA LEU E 87 -32.31 14.52 -1.06
C LEU E 87 -32.63 13.06 -1.26
N THR E 88 -33.81 12.82 -1.83
CA THR E 88 -34.27 11.46 -2.10
C THR E 88 -33.99 11.01 -3.52
N THR E 89 -33.90 11.96 -4.45
CA THR E 89 -33.65 11.62 -5.84
C THR E 89 -32.33 10.94 -6.03
N GLU E 90 -32.24 10.04 -7.00
CA GLU E 90 -31.00 9.34 -7.28
C GLU E 90 -30.41 9.99 -8.53
N TYR E 91 -30.89 11.18 -8.86
CA TYR E 91 -30.42 11.89 -10.05
C TYR E 91 -29.67 13.16 -9.77
N TYR E 92 -28.46 13.23 -10.31
CA TYR E 92 -27.63 14.42 -10.23
C TYR E 92 -27.06 14.83 -8.87
N TYR E 93 -27.88 14.90 -7.82
CA TYR E 93 -27.37 15.26 -6.50
C TYR E 93 -26.36 14.22 -5.98
N PRO E 94 -26.64 12.93 -6.19
CA PRO E 94 -25.70 11.91 -5.72
C PRO E 94 -24.32 12.04 -6.36
N LEU E 95 -24.11 13.04 -7.21
CA LEU E 95 -22.81 13.23 -7.88
C LEU E 95 -22.20 14.56 -7.51
N GLN E 96 -22.83 15.21 -6.53
CA GLN E 96 -22.37 16.52 -6.07
C GLN E 96 -20.89 16.49 -5.72
N ASN E 97 -20.44 15.36 -5.21
CA ASN E 97 -19.05 15.21 -4.83
C ASN E 97 -18.17 15.35 -6.04
N ALA E 98 -18.28 14.40 -6.97
CA ALA E 98 -17.46 14.45 -8.19
C ALA E 98 -17.59 15.80 -8.86
N ILE E 99 -18.81 16.33 -8.92
CA ILE E 99 -19.02 17.63 -9.55
C ILE E 99 -18.11 18.68 -8.94
N ILE E 100 -17.93 18.67 -7.63
CA ILE E 100 -17.08 19.66 -6.97
C ILE E 100 -15.61 19.46 -7.26
N GLU E 101 -15.12 18.23 -7.13
CA GLU E 101 -13.71 18.02 -7.38
C GLU E 101 -13.39 18.24 -8.84
N PHE E 102 -14.35 17.93 -9.71
CA PHE E 102 -14.16 18.10 -11.14
C PHE E 102 -14.08 19.59 -11.45
N TYR E 103 -15.04 20.32 -10.92
CA TYR E 103 -15.06 21.77 -11.12
C TYR E 103 -13.77 22.41 -10.65
N THR E 104 -13.42 22.18 -9.38
CA THR E 104 -12.22 22.75 -8.76
C THR E 104 -10.91 22.55 -9.51
N GLU E 105 -10.83 21.45 -10.25
CA GLU E 105 -9.61 21.13 -11.01
C GLU E 105 -9.61 21.71 -12.42
N TYR E 106 -10.66 21.42 -13.17
CA TYR E 106 -10.76 21.89 -14.55
C TYR E 106 -11.49 23.23 -14.69
N TYR E 107 -11.56 23.99 -13.61
CA TYR E 107 -12.24 25.29 -13.64
C TYR E 107 -11.36 26.23 -14.44
N LYS E 108 -10.07 25.92 -14.45
CA LYS E 108 -9.07 26.69 -15.18
C LYS E 108 -9.63 27.19 -16.51
N THR E 109 -9.53 26.36 -17.53
CA THR E 109 -10.04 26.72 -18.84
C THR E 109 -11.55 26.88 -18.75
N ASN E 110 -12.04 28.07 -19.07
CA ASN E 110 -13.47 28.35 -18.99
C ASN E 110 -14.28 27.53 -20.00
N SER E 111 -13.73 26.38 -20.40
CA SER E 111 -14.40 25.50 -21.32
C SER E 111 -15.34 24.65 -20.48
N ILE E 112 -14.85 24.16 -19.35
CA ILE E 112 -15.66 23.34 -18.44
C ILE E 112 -16.38 24.27 -17.47
N ASN E 113 -15.87 25.48 -17.32
CA ASN E 113 -16.46 26.46 -16.43
C ASN E 113 -17.89 26.75 -16.89
N GLU E 114 -18.04 27.13 -18.14
CA GLU E 114 -19.35 27.44 -18.73
C GLU E 114 -20.30 26.28 -18.51
N LYS E 115 -19.91 25.12 -19.06
CA LYS E 115 -20.71 23.90 -18.99
C LYS E 115 -21.32 23.62 -17.64
N MET E 116 -20.52 23.74 -16.59
CA MET E 116 -20.98 23.48 -15.24
C MET E 116 -22.02 24.52 -14.83
N ASN E 117 -21.63 25.79 -14.83
CA ASN E 117 -22.57 26.84 -14.45
C ASN E 117 -23.93 26.59 -15.08
N LYS E 118 -23.98 26.39 -16.39
CA LYS E 118 -25.25 26.16 -17.07
C LYS E 118 -26.05 25.12 -16.30
N LEU E 119 -25.41 24.00 -15.97
CA LEU E 119 -26.09 22.93 -15.24
C LEU E 119 -26.53 23.36 -13.86
N GLU E 120 -25.66 24.06 -13.16
CA GLU E 120 -25.99 24.51 -11.81
C GLU E 120 -26.96 25.67 -11.85
N ASN E 121 -26.98 26.41 -12.95
CA ASN E 121 -27.89 27.53 -13.05
C ASN E 121 -29.30 27.05 -13.33
N LYS E 122 -29.43 25.83 -13.83
CA LYS E 122 -30.75 25.26 -14.09
C LYS E 122 -31.45 25.10 -12.74
N TYR E 123 -30.67 24.78 -11.71
CA TYR E 123 -31.22 24.61 -10.39
C TYR E 123 -31.57 25.94 -9.76
N ILE E 124 -30.66 26.90 -9.78
CA ILE E 124 -30.95 28.20 -9.20
C ILE E 124 -32.29 28.65 -9.79
N ASP E 125 -32.55 28.24 -11.03
CA ASP E 125 -33.77 28.60 -11.74
C ASP E 125 -35.04 28.01 -11.15
N ALA E 126 -34.99 26.75 -10.77
CA ALA E 126 -36.18 26.14 -10.19
C ALA E 126 -36.62 27.03 -9.05
N TYR E 127 -35.66 27.49 -8.25
CA TYR E 127 -35.95 28.37 -7.12
C TYR E 127 -36.57 29.66 -7.61
N HIS E 128 -35.90 30.33 -8.56
CA HIS E 128 -36.39 31.60 -9.10
C HIS E 128 -37.86 31.47 -9.51
N VAL E 129 -38.26 30.29 -9.97
CA VAL E 129 -39.65 30.08 -10.34
C VAL E 129 -40.45 30.01 -9.04
N ILE E 130 -40.20 28.98 -8.24
CA ILE E 130 -40.89 28.80 -6.98
C ILE E 130 -40.97 30.09 -6.18
N PHE E 131 -39.99 30.98 -6.35
CA PHE E 131 -40.01 32.23 -5.62
C PHE E 131 -40.85 33.32 -6.28
N LYS E 132 -40.55 33.69 -7.52
CA LYS E 132 -41.33 34.73 -8.21
C LYS E 132 -42.80 34.34 -8.34
N GLU E 133 -43.07 33.04 -8.27
CA GLU E 133 -44.41 32.50 -8.38
C GLU E 133 -45.24 32.85 -7.14
N GLY E 134 -44.56 32.92 -6.00
CA GLY E 134 -45.23 33.25 -4.76
C GLY E 134 -45.37 34.75 -4.57
N ASN E 135 -44.46 35.50 -5.18
CA ASN E 135 -44.48 36.94 -5.09
C ASN E 135 -45.67 37.50 -5.86
N LEU E 136 -46.31 36.62 -6.64
CA LEU E 136 -47.47 37.00 -7.44
C LEU E 136 -48.70 36.21 -6.99
N ASN E 137 -48.58 35.54 -5.86
CA ASN E 137 -49.67 34.77 -5.28
C ASN E 137 -49.73 35.13 -3.80
N GLY E 138 -49.13 36.27 -3.46
CA GLY E 138 -49.12 36.72 -2.08
C GLY E 138 -48.49 35.69 -1.17
N GLU E 139 -48.00 34.60 -1.74
CA GLU E 139 -47.36 33.54 -0.99
C GLU E 139 -46.34 34.16 -0.03
N TRP E 140 -45.73 35.25 -0.48
CA TRP E 140 -44.74 36.02 0.27
C TRP E 140 -44.32 37.17 -0.63
N SER E 141 -43.30 37.91 -0.20
CA SER E 141 -42.82 39.03 -0.99
C SER E 141 -41.34 39.27 -0.81
N ILE E 142 -40.58 39.13 -1.90
CA ILE E 142 -39.15 39.34 -1.84
C ILE E 142 -38.68 40.17 -3.04
N ASN E 143 -38.36 41.42 -2.77
CA ASN E 143 -37.90 42.37 -3.78
C ASN E 143 -36.74 41.88 -4.64
N ASP E 144 -36.02 40.86 -4.17
CA ASP E 144 -34.88 40.34 -4.92
C ASP E 144 -34.95 38.81 -4.98
N VAL E 145 -35.66 38.28 -5.97
CA VAL E 145 -35.80 36.84 -6.13
C VAL E 145 -34.51 36.19 -6.59
N ASN E 146 -33.62 36.98 -7.19
CA ASN E 146 -32.35 36.46 -7.65
C ASN E 146 -31.57 35.97 -6.44
N ALA E 147 -31.02 36.92 -5.68
CA ALA E 147 -30.23 36.63 -4.48
C ALA E 147 -30.80 35.53 -3.60
N VAL E 148 -32.11 35.49 -3.42
CA VAL E 148 -32.72 34.47 -2.58
C VAL E 148 -32.81 33.12 -3.28
N SER E 149 -32.86 33.13 -4.60
CA SER E 149 -32.93 31.88 -5.35
C SER E 149 -31.56 31.21 -5.27
N LYS E 150 -30.51 32.03 -5.21
CA LYS E 150 -29.14 31.54 -5.10
C LYS E 150 -28.88 31.05 -3.69
N ILE E 151 -29.21 31.89 -2.70
CA ILE E 151 -29.03 31.54 -1.30
C ILE E 151 -29.68 30.18 -1.07
N ALA E 152 -30.97 30.12 -1.34
CA ALA E 152 -31.71 28.89 -1.17
C ALA E 152 -31.01 27.74 -1.85
N ALA E 153 -30.56 27.99 -3.07
CA ALA E 153 -29.88 26.99 -3.88
C ALA E 153 -28.61 26.41 -3.26
N ASN E 154 -27.64 27.27 -2.96
CA ASN E 154 -26.39 26.80 -2.37
C ASN E 154 -26.60 26.22 -0.97
N ALA E 155 -27.41 26.92 -0.17
CA ALA E 155 -27.70 26.48 1.17
C ALA E 155 -28.20 25.03 1.13
N VAL E 156 -29.33 24.81 0.46
CA VAL E 156 -29.89 23.47 0.36
C VAL E 156 -28.87 22.48 -0.15
N ASN E 157 -27.99 22.94 -1.02
CA ASN E 157 -27.02 22.03 -1.55
C ASN E 157 -26.07 21.67 -0.43
N GLY E 158 -25.66 22.69 0.34
CA GLY E 158 -24.78 22.46 1.47
C GLY E 158 -25.39 21.42 2.40
N ILE E 159 -26.70 21.55 2.64
CA ILE E 159 -27.39 20.61 3.50
C ILE E 159 -27.25 19.23 2.88
N VAL E 160 -27.55 19.10 1.60
CA VAL E 160 -27.47 17.77 0.97
C VAL E 160 -26.09 17.14 0.93
N THR E 161 -25.10 17.87 0.42
CA THR E 161 -23.77 17.29 0.29
C THR E 161 -22.95 17.18 1.56
N PHE E 162 -22.96 18.21 2.41
CA PHE E 162 -22.16 18.20 3.64
C PHE E 162 -22.70 17.37 4.82
N THR E 163 -23.59 16.40 4.58
CA THR E 163 -24.14 15.62 5.69
C THR E 163 -24.17 14.09 5.54
N HIS E 164 -23.56 13.51 4.48
CA HIS E 164 -23.60 12.05 4.23
C HIS E 164 -23.73 11.11 5.44
N GLU E 165 -23.32 11.63 6.59
CA GLU E 165 -23.41 10.96 7.90
C GLU E 165 -24.75 10.28 8.09
N GLN E 166 -25.68 11.14 8.44
CA GLN E 166 -27.04 10.78 8.78
C GLN E 166 -27.76 9.72 7.97
N ASN E 167 -28.91 9.35 8.52
CA ASN E 167 -29.85 8.37 8.00
C ASN E 167 -30.74 9.25 7.11
N ILE E 168 -31.26 8.69 6.02
CA ILE E 168 -32.08 9.50 5.14
C ILE E 168 -33.30 10.11 5.84
N ASN E 169 -33.99 9.29 6.62
CA ASN E 169 -35.18 9.71 7.35
C ASN E 169 -34.81 10.93 8.16
N GLU E 170 -33.62 10.84 8.72
CA GLU E 170 -33.02 11.87 9.54
C GLU E 170 -32.80 13.14 8.73
N ARG E 171 -32.11 12.99 7.61
CA ARG E 171 -31.82 14.10 6.71
C ARG E 171 -33.11 14.80 6.31
N ILE E 172 -34.08 14.00 5.89
CA ILE E 172 -35.37 14.52 5.46
C ILE E 172 -35.90 15.51 6.50
N LYS E 173 -35.83 15.10 7.76
CA LYS E 173 -36.31 15.96 8.82
C LYS E 173 -35.52 17.25 8.92
N LEU E 174 -34.19 17.13 8.89
CA LEU E 174 -33.32 18.30 8.95
C LEU E 174 -33.69 19.24 7.82
N MET E 175 -33.83 18.68 6.63
CA MET E 175 -34.17 19.46 5.45
C MET E 175 -35.48 20.20 5.70
N ASN E 176 -36.52 19.46 6.07
CA ASN E 176 -37.80 20.07 6.32
C ASN E 176 -37.73 21.18 7.36
N LYS E 177 -36.93 20.96 8.41
CA LYS E 177 -36.77 21.96 9.45
C LYS E 177 -36.28 23.23 8.76
N PHE E 178 -35.24 23.08 7.92
CA PHE E 178 -34.64 24.18 7.17
C PHE E 178 -35.67 24.89 6.28
N SER E 179 -36.40 24.10 5.51
CA SER E 179 -37.42 24.62 4.60
C SER E 179 -38.26 25.63 5.37
N GLN E 180 -38.83 25.15 6.47
CA GLN E 180 -39.67 25.95 7.36
C GLN E 180 -38.93 27.20 7.81
N ILE E 181 -37.78 27.01 8.44
CA ILE E 181 -36.98 28.13 8.93
C ILE E 181 -36.73 29.14 7.82
N PHE E 182 -36.21 28.69 6.68
CA PHE E 182 -35.90 29.61 5.59
C PHE E 182 -37.16 30.32 5.14
N LEU E 183 -38.17 29.53 4.78
CA LEU E 183 -39.43 30.12 4.35
C LEU E 183 -39.82 31.22 5.30
N ASN E 184 -39.96 30.85 6.57
CA ASN E 184 -40.35 31.80 7.60
C ASN E 184 -39.79 33.20 7.30
N GLY E 185 -38.55 33.45 7.71
CA GLY E 185 -37.94 34.75 7.51
C GLY E 185 -38.03 35.43 6.15
N LEU E 186 -39.15 35.32 5.44
CA LEU E 186 -39.24 35.93 4.13
C LEU E 186 -40.13 37.18 3.96
N SER E 187 -41.43 37.00 3.83
CA SER E 187 -42.33 38.15 3.62
C SER E 187 -42.84 38.88 4.85
N LYS E 188 -42.04 39.82 5.34
CA LYS E 188 -42.39 40.59 6.53
C LYS E 188 -41.50 41.82 6.65
N HIS E 189 -41.85 42.88 5.91
CA HIS E 189 -41.09 44.14 5.96
C HIS E 189 -41.28 44.76 7.34
N ASN F 2 30.30 2.06 22.10
CA ASN F 2 29.26 2.83 22.86
C ASN F 2 27.95 2.75 22.08
N LEU F 3 27.64 3.82 21.35
CA LEU F 3 26.45 3.81 20.51
C LEU F 3 26.85 2.92 19.34
N LYS F 4 28.11 3.06 18.91
CA LYS F 4 28.63 2.25 17.81
C LYS F 4 28.29 0.81 18.09
N ASP F 5 28.40 0.41 19.33
CA ASP F 5 28.11 -0.96 19.67
C ASP F 5 26.63 -1.29 19.61
N LYS F 6 25.81 -0.44 20.21
CA LYS F 6 24.37 -0.64 20.19
C LYS F 6 23.95 -0.69 18.71
N ILE F 7 24.38 0.30 17.93
CA ILE F 7 24.06 0.36 16.52
C ILE F 7 24.45 -0.94 15.82
N LEU F 8 25.63 -1.50 16.11
CA LEU F 8 26.03 -2.74 15.46
C LEU F 8 25.03 -3.82 15.81
N GLY F 9 24.52 -3.75 17.03
CA GLY F 9 23.56 -4.74 17.48
C GLY F 9 22.27 -4.76 16.68
N VAL F 10 21.57 -3.63 16.62
CA VAL F 10 20.32 -3.60 15.88
C VAL F 10 20.63 -3.95 14.42
N ALA F 11 21.72 -3.41 13.88
CA ALA F 11 22.07 -3.70 12.50
C ALA F 11 22.18 -5.22 12.27
N LYS F 12 22.89 -5.91 13.15
CA LYS F 12 23.05 -7.34 13.01
C LYS F 12 21.69 -8.05 13.01
N GLU F 13 20.85 -7.68 13.98
CA GLU F 13 19.53 -8.28 14.10
C GLU F 13 18.67 -8.10 12.85
N LEU F 14 18.63 -6.88 12.35
CA LEU F 14 17.85 -6.58 11.16
C LEU F 14 18.39 -7.35 9.96
N PHE F 15 19.70 -7.31 9.72
CA PHE F 15 20.29 -8.04 8.60
C PHE F 15 19.90 -9.51 8.64
N ILE F 16 19.72 -10.06 9.83
CA ILE F 16 19.32 -11.47 9.95
C ILE F 16 17.83 -11.65 9.72
N LYS F 17 17.02 -10.82 10.38
CA LYS F 17 15.56 -10.86 10.24
C LYS F 17 15.13 -10.58 8.81
N ASN F 18 15.61 -9.49 8.22
CA ASN F 18 15.29 -9.15 6.83
C ASN F 18 16.58 -9.37 6.08
N GLY F 19 16.61 -9.01 4.80
CA GLY F 19 17.86 -9.24 4.08
C GLY F 19 18.84 -8.10 4.23
N TYR F 20 19.74 -7.96 3.27
CA TYR F 20 20.67 -6.85 3.30
C TYR F 20 19.89 -5.64 2.74
N ASN F 21 19.46 -5.75 1.47
CA ASN F 21 18.67 -4.69 0.85
C ASN F 21 17.42 -4.40 1.68
N ALA F 22 16.86 -5.47 2.22
CA ALA F 22 15.66 -5.35 3.00
C ALA F 22 15.84 -4.46 4.21
N THR F 23 17.05 -4.41 4.75
CA THR F 23 17.38 -3.62 5.96
C THR F 23 17.74 -2.19 5.64
N THR F 24 16.94 -1.23 6.10
CA THR F 24 17.24 0.17 5.84
C THR F 24 18.03 0.82 6.96
N THR F 25 18.75 1.89 6.62
CA THR F 25 19.55 2.58 7.62
C THR F 25 18.61 3.32 8.56
N GLY F 26 17.63 4.02 8.02
CA GLY F 26 16.68 4.72 8.86
C GLY F 26 16.08 3.79 9.90
N GLU F 27 15.88 2.54 9.51
CA GLU F 27 15.32 1.56 10.41
C GLU F 27 16.30 1.31 11.52
N ILE F 28 17.59 1.19 11.15
CA ILE F 28 18.69 0.99 12.09
C ILE F 28 18.71 2.15 13.06
N VAL F 29 18.72 3.35 12.49
CA VAL F 29 18.71 4.56 13.27
C VAL F 29 17.55 4.46 14.27
N LYS F 30 16.33 4.26 13.77
CA LYS F 30 15.18 4.17 14.66
C LYS F 30 15.27 3.12 15.76
N LEU F 31 15.51 1.88 15.41
CA LEU F 31 15.59 0.85 16.42
C LEU F 31 16.71 1.02 17.43
N SER F 32 17.74 1.78 17.09
CA SER F 32 18.84 1.95 18.03
C SER F 32 18.74 3.31 18.70
N GLU F 33 17.77 4.09 18.24
CA GLU F 33 17.54 5.42 18.78
C GLU F 33 18.71 6.35 18.60
N SER F 34 19.52 6.07 17.59
CA SER F 34 20.65 6.95 17.34
C SER F 34 20.21 7.95 16.26
N SER F 35 21.06 8.24 15.29
CA SER F 35 20.68 9.20 14.27
C SER F 35 21.48 9.00 12.99
N LYS F 36 21.10 9.68 11.92
CA LYS F 36 21.86 9.49 10.69
C LYS F 36 23.28 9.92 10.96
N GLY F 37 23.41 11.15 11.47
CA GLY F 37 24.71 11.69 11.80
C GLY F 37 25.61 10.70 12.53
N ASN F 38 25.14 10.23 13.66
CA ASN F 38 25.94 9.33 14.43
C ASN F 38 26.19 8.02 13.72
N LEU F 39 25.24 7.55 12.93
CA LEU F 39 25.39 6.27 12.21
C LEU F 39 26.50 6.39 11.18
N TYR F 40 26.44 7.45 10.39
CA TYR F 40 27.43 7.67 9.36
C TYR F 40 28.76 8.27 9.86
N TYR F 41 28.92 8.34 11.16
CA TYR F 41 30.15 8.82 11.73
C TYR F 41 30.87 7.55 12.17
N HIS F 42 30.20 6.72 12.95
CA HIS F 42 30.80 5.46 13.39
C HIS F 42 30.99 4.47 12.24
N PHE F 43 30.29 4.69 11.12
CA PHE F 43 30.45 3.83 9.96
C PHE F 43 30.50 4.63 8.69
N LYS F 44 31.26 4.11 7.73
CA LYS F 44 31.49 4.81 6.48
C LYS F 44 30.33 4.65 5.55
N THR F 45 29.85 3.42 5.43
CA THR F 45 28.76 3.07 4.53
C THR F 45 28.01 1.82 5.00
N LYS F 46 26.78 1.66 4.49
CA LYS F 46 25.96 0.50 4.86
C LYS F 46 26.74 -0.73 4.50
N GLU F 47 27.43 -0.66 3.37
CA GLU F 47 28.23 -1.78 2.91
C GLU F 47 29.29 -2.16 3.92
N ASN F 48 30.09 -1.19 4.32
CA ASN F 48 31.15 -1.44 5.27
C ASN F 48 30.61 -1.85 6.63
N LEU F 49 29.48 -1.28 7.01
CA LEU F 49 28.86 -1.60 8.28
C LEU F 49 28.56 -3.10 8.27
N PHE F 50 28.07 -3.57 7.13
CA PHE F 50 27.75 -4.98 6.98
C PHE F 50 28.98 -5.86 7.10
N LEU F 51 30.01 -5.54 6.33
CA LEU F 51 31.25 -6.31 6.35
C LEU F 51 31.89 -6.37 7.72
N GLU F 52 31.92 -5.24 8.42
CA GLU F 52 32.51 -5.22 9.75
C GLU F 52 31.78 -6.23 10.62
N ILE F 53 30.45 -6.27 10.49
CA ILE F 53 29.66 -7.21 11.26
C ILE F 53 30.04 -8.65 10.90
N LEU F 54 30.33 -8.86 9.62
CA LEU F 54 30.71 -10.18 9.17
C LEU F 54 31.97 -10.69 9.83
N ASN F 55 33.05 -9.91 9.73
CA ASN F 55 34.36 -10.26 10.29
C ASN F 55 34.29 -10.51 11.81
N ILE F 56 33.59 -9.65 12.52
CA ILE F 56 33.45 -9.80 13.94
C ILE F 56 32.78 -11.13 14.21
N GLU F 57 31.60 -11.29 13.63
CA GLU F 57 30.80 -12.50 13.81
C GLU F 57 31.56 -13.78 13.44
N GLU F 58 32.24 -13.78 12.29
CA GLU F 58 32.99 -14.97 11.91
C GLU F 58 33.92 -15.26 13.08
N SER F 59 34.56 -14.20 13.56
CA SER F 59 35.49 -14.28 14.67
C SER F 59 34.87 -15.03 15.86
N LYS F 60 33.83 -14.46 16.44
CA LYS F 60 33.17 -15.07 17.59
C LYS F 60 32.72 -16.52 17.33
N TRP F 61 32.49 -16.87 16.08
CA TRP F 61 32.09 -18.24 15.79
C TRP F 61 33.32 -19.10 16.03
N GLN F 62 34.41 -18.73 15.37
CA GLN F 62 35.67 -19.47 15.51
C GLN F 62 35.94 -19.73 16.98
N GLU F 63 35.71 -18.70 17.78
CA GLU F 63 35.91 -18.79 19.21
C GLU F 63 34.97 -19.84 19.75
N GLN F 64 33.67 -19.68 19.50
CA GLN F 64 32.70 -20.64 19.99
C GLN F 64 33.09 -22.05 19.60
N TRP F 65 33.44 -22.28 18.35
CA TRP F 65 33.82 -23.63 17.93
C TRP F 65 35.00 -24.13 18.70
N LYS F 66 36.02 -23.28 18.86
CA LYS F 66 37.22 -23.65 19.60
C LYS F 66 36.88 -24.19 20.97
N LYS F 67 36.07 -23.46 21.74
CA LYS F 67 35.70 -23.94 23.06
C LYS F 67 34.88 -25.21 22.85
N GLU F 68 33.59 -25.01 22.59
CA GLU F 68 32.59 -26.05 22.35
C GLU F 68 33.02 -27.42 21.89
N GLN F 69 33.99 -27.51 21.00
CA GLN F 69 34.42 -28.80 20.52
C GLN F 69 35.19 -29.63 21.53
N ILE F 70 35.64 -28.97 22.60
CA ILE F 70 36.40 -29.63 23.65
C ILE F 70 35.63 -30.83 24.18
N LYS F 71 34.31 -30.68 24.28
CA LYS F 71 33.45 -31.76 24.78
C LYS F 71 33.26 -32.91 23.81
N ALA F 72 33.89 -32.86 22.64
CA ALA F 72 33.73 -33.91 21.67
C ALA F 72 34.98 -34.76 21.56
N LYS F 73 35.00 -35.90 22.23
CA LYS F 73 36.17 -36.76 22.18
C LYS F 73 36.62 -37.02 20.73
N THR F 74 35.84 -37.80 19.99
CA THR F 74 36.18 -38.16 18.61
C THR F 74 35.75 -37.19 17.50
N ASN F 75 36.27 -37.42 16.29
CA ASN F 75 35.91 -36.56 15.16
C ASN F 75 34.45 -36.77 14.79
N ARG F 76 33.98 -37.99 14.96
CA ARG F 76 32.59 -38.31 14.68
C ARG F 76 31.74 -37.38 15.55
N GLU F 77 31.98 -37.40 16.85
CA GLU F 77 31.22 -36.55 17.76
C GLU F 77 31.36 -35.09 17.34
N LYS F 78 32.52 -34.76 16.81
CA LYS F 78 32.80 -33.40 16.37
C LYS F 78 31.82 -33.01 15.27
N PHE F 79 31.82 -33.80 14.20
CA PHE F 79 30.92 -33.62 13.06
C PHE F 79 29.47 -33.31 13.52
N TYR F 80 28.88 -34.21 14.29
CA TYR F 80 27.53 -34.00 14.78
C TYR F 80 27.43 -32.67 15.48
N LEU F 81 28.42 -32.36 16.31
CA LEU F 81 28.36 -31.12 17.05
C LEU F 81 28.53 -29.92 16.15
N TYR F 82 29.43 -30.02 15.18
CA TYR F 82 29.64 -28.89 14.30
C TYR F 82 28.34 -28.56 13.59
N ASN F 83 27.66 -29.59 13.10
CA ASN F 83 26.42 -29.39 12.39
C ASN F 83 25.31 -28.87 13.30
N GLU F 84 25.10 -29.52 14.43
CA GLU F 84 24.07 -29.05 15.34
C GLU F 84 24.35 -27.62 15.75
N LEU F 85 25.65 -27.30 15.84
CA LEU F 85 26.05 -25.98 16.28
C LEU F 85 25.79 -24.85 15.29
N SER F 86 25.95 -25.17 14.01
CA SER F 86 25.69 -24.19 12.95
C SER F 86 24.17 -23.93 12.89
N LEU F 87 23.44 -24.67 13.70
CA LEU F 87 22.01 -24.55 13.75
C LEU F 87 21.62 -23.74 14.96
N THR F 88 22.29 -23.96 16.08
CA THR F 88 22.00 -23.24 17.31
C THR F 88 22.82 -21.98 17.51
N THR F 89 23.98 -21.91 16.86
CA THR F 89 24.82 -20.73 17.01
C THR F 89 24.09 -19.47 16.62
N GLU F 90 24.62 -18.34 17.08
CA GLU F 90 24.00 -17.06 16.77
C GLU F 90 25.02 -16.16 16.14
N TYR F 91 26.14 -16.74 15.78
CA TYR F 91 27.18 -15.97 15.15
C TYR F 91 27.33 -16.44 13.75
N TYR F 92 27.38 -15.48 12.84
CA TYR F 92 27.61 -15.79 11.44
C TYR F 92 26.58 -16.64 10.67
N TYR F 93 26.39 -17.90 11.03
CA TYR F 93 25.43 -18.67 10.26
C TYR F 93 24.05 -18.01 10.11
N PRO F 94 23.54 -17.37 11.16
CA PRO F 94 22.23 -16.73 11.03
C PRO F 94 22.19 -15.64 9.98
N LEU F 95 23.36 -15.24 9.49
CA LEU F 95 23.47 -14.17 8.49
C LEU F 95 23.63 -14.69 7.07
N GLN F 96 23.57 -16.01 6.91
CA GLN F 96 23.71 -16.65 5.60
C GLN F 96 22.97 -15.95 4.45
N ASN F 97 21.67 -15.75 4.65
CA ASN F 97 20.82 -15.08 3.67
C ASN F 97 21.53 -13.84 3.18
N ALA F 98 21.63 -12.86 4.08
CA ALA F 98 22.25 -11.59 3.78
C ALA F 98 23.60 -11.77 3.09
N ILE F 99 24.38 -12.77 3.50
CA ILE F 99 25.66 -12.96 2.86
C ILE F 99 25.38 -13.23 1.37
N ILE F 100 24.52 -14.20 1.12
CA ILE F 100 24.16 -14.57 -0.25
C ILE F 100 23.68 -13.37 -1.07
N GLU F 101 22.59 -12.75 -0.61
CA GLU F 101 22.04 -11.60 -1.29
C GLU F 101 23.14 -10.56 -1.54
N PHE F 102 23.87 -10.25 -0.49
CA PHE F 102 24.92 -9.24 -0.56
C PHE F 102 25.99 -9.55 -1.57
N TYR F 103 26.38 -10.80 -1.68
CA TYR F 103 27.44 -11.13 -2.64
C TYR F 103 26.89 -11.18 -4.05
N THR F 104 25.67 -11.71 -4.20
CA THR F 104 25.03 -11.82 -5.50
C THR F 104 24.91 -10.47 -6.22
N GLU F 105 25.03 -9.40 -5.46
CA GLU F 105 24.92 -8.04 -5.99
C GLU F 105 26.27 -7.34 -5.94
N TYR F 106 27.28 -8.01 -5.38
CA TYR F 106 28.61 -7.43 -5.26
C TYR F 106 29.79 -8.34 -5.63
N TYR F 107 29.53 -9.60 -5.92
CA TYR F 107 30.64 -10.49 -6.28
C TYR F 107 31.17 -10.04 -7.62
N LYS F 108 30.48 -9.06 -8.18
CA LYS F 108 30.85 -8.47 -9.46
C LYS F 108 32.10 -7.62 -9.29
N THR F 109 32.52 -7.41 -8.04
CA THR F 109 33.73 -6.63 -7.76
C THR F 109 34.76 -7.50 -7.05
N ASN F 110 36.03 -7.15 -7.25
CA ASN F 110 37.15 -7.88 -6.65
C ASN F 110 37.22 -7.55 -5.16
N SER F 111 36.65 -6.40 -4.80
CA SER F 111 36.64 -5.94 -3.42
C SER F 111 35.91 -6.96 -2.54
N ILE F 112 34.59 -6.93 -2.65
CA ILE F 112 33.71 -7.81 -1.88
C ILE F 112 33.93 -9.29 -2.18
N ASN F 113 34.52 -9.57 -3.34
CA ASN F 113 34.78 -10.94 -3.77
C ASN F 113 35.39 -11.83 -2.69
N GLU F 114 36.70 -11.75 -2.52
CA GLU F 114 37.40 -12.57 -1.51
C GLU F 114 37.08 -12.04 -0.11
N LYS F 115 36.78 -10.75 -0.04
CA LYS F 115 36.47 -10.06 1.22
C LYS F 115 35.39 -10.78 2.04
N MET F 116 34.81 -11.81 1.45
CA MET F 116 33.76 -12.58 2.11
C MET F 116 33.78 -14.01 1.58
N ASN F 117 34.70 -14.29 0.66
CA ASN F 117 34.84 -15.62 0.08
C ASN F 117 35.67 -16.51 1.00
N LYS F 118 36.65 -15.90 1.67
CA LYS F 118 37.48 -16.66 2.56
C LYS F 118 36.77 -16.74 3.90
N LEU F 119 35.81 -15.85 4.11
CA LEU F 119 35.05 -15.86 5.34
C LEU F 119 34.31 -17.18 5.42
N GLU F 120 34.01 -17.76 4.26
CA GLU F 120 33.29 -19.02 4.23
C GLU F 120 34.20 -20.24 4.09
N ASN F 121 35.28 -20.11 3.32
CA ASN F 121 36.20 -21.22 3.17
C ASN F 121 36.65 -21.69 4.54
N LYS F 122 36.43 -20.85 5.54
CA LYS F 122 36.79 -21.21 6.91
C LYS F 122 35.85 -22.30 7.38
N TYR F 123 34.70 -22.44 6.73
CA TYR F 123 33.76 -23.47 7.10
C TYR F 123 34.10 -24.77 6.40
N ILE F 124 34.55 -24.69 5.15
CA ILE F 124 34.92 -25.89 4.43
C ILE F 124 36.19 -26.37 5.09
N ASP F 125 36.85 -25.46 5.81
CA ASP F 125 38.08 -25.84 6.49
C ASP F 125 37.79 -26.79 7.63
N ALA F 126 37.04 -26.31 8.62
CA ALA F 126 36.67 -27.13 9.76
C ALA F 126 36.33 -28.57 9.34
N TYR F 127 35.53 -28.71 8.30
CA TYR F 127 35.18 -30.04 7.85
C TYR F 127 36.42 -30.78 7.41
N HIS F 128 37.33 -30.07 6.77
CA HIS F 128 38.56 -30.72 6.33
C HIS F 128 39.33 -31.28 7.52
N VAL F 129 39.46 -30.49 8.58
CA VAL F 129 40.17 -30.96 9.77
C VAL F 129 39.48 -32.22 10.25
N ILE F 130 38.22 -32.09 10.64
CA ILE F 130 37.42 -33.17 11.17
C ILE F 130 37.53 -34.46 10.36
N PHE F 131 37.33 -34.36 9.05
CA PHE F 131 37.42 -35.53 8.21
C PHE F 131 38.84 -36.08 8.19
N LYS F 132 39.82 -35.21 7.93
CA LYS F 132 41.23 -35.59 7.89
C LYS F 132 41.68 -36.31 9.16
N GLU F 133 41.69 -35.56 10.25
CA GLU F 133 42.08 -36.08 11.54
C GLU F 133 41.29 -37.34 11.89
N GLY F 134 40.19 -37.55 11.18
CA GLY F 134 39.36 -38.71 11.41
C GLY F 134 39.91 -39.88 10.62
N ASN F 135 40.70 -39.56 9.61
CA ASN F 135 41.33 -40.58 8.79
C ASN F 135 42.49 -41.18 9.59
N LEU F 136 43.38 -40.31 10.07
CA LEU F 136 44.52 -40.77 10.86
C LEU F 136 44.06 -41.16 12.27
N ASN F 137 42.85 -41.70 12.35
CA ASN F 137 42.27 -42.14 13.60
C ASN F 137 41.39 -43.33 13.31
N GLY F 138 41.43 -43.78 12.06
CA GLY F 138 40.64 -44.92 11.64
C GLY F 138 39.12 -44.78 11.77
N GLU F 139 38.63 -43.60 12.15
CA GLU F 139 37.19 -43.39 12.29
C GLU F 139 36.52 -43.60 10.94
N TRP F 140 37.29 -43.44 9.88
CA TRP F 140 36.82 -43.62 8.51
C TRP F 140 38.01 -43.39 7.57
N SER F 141 37.84 -43.74 6.29
CA SER F 141 38.91 -43.59 5.31
C SER F 141 38.45 -42.78 4.12
N ILE F 142 38.30 -41.49 4.31
CA ILE F 142 37.86 -40.60 3.25
C ILE F 142 39.01 -40.40 2.28
N ASN F 143 38.97 -41.09 1.14
CA ASN F 143 40.05 -40.94 0.19
C ASN F 143 40.02 -39.65 -0.60
N ASP F 144 39.26 -38.68 -0.12
CA ASP F 144 39.19 -37.36 -0.78
C ASP F 144 38.57 -36.29 0.12
N VAL F 145 39.21 -36.04 1.26
CA VAL F 145 38.74 -35.04 2.21
C VAL F 145 38.20 -33.76 1.56
N ASN F 146 38.92 -33.26 0.56
CA ASN F 146 38.49 -32.02 -0.09
C ASN F 146 37.06 -32.09 -0.56
N ALA F 147 36.77 -32.97 -1.51
CA ALA F 147 35.42 -33.10 -2.01
C ALA F 147 34.47 -33.23 -0.84
N VAL F 148 34.53 -34.38 -0.16
CA VAL F 148 33.67 -34.64 0.98
C VAL F 148 33.58 -33.44 1.93
N SER F 149 34.68 -32.73 2.14
CA SER F 149 34.63 -31.59 3.04
C SER F 149 33.71 -30.50 2.48
N LYS F 150 33.79 -30.24 1.18
CA LYS F 150 32.95 -29.23 0.54
C LYS F 150 31.50 -29.69 0.56
N ILE F 151 31.31 -30.92 0.07
CA ILE F 151 30.00 -31.53 0.01
C ILE F 151 29.27 -31.39 1.32
N ALA F 152 29.94 -31.71 2.41
CA ALA F 152 29.32 -31.61 3.73
C ALA F 152 28.96 -30.17 4.06
N ALA F 153 29.93 -29.28 3.89
CA ALA F 153 29.71 -27.88 4.21
C ALA F 153 28.49 -27.34 3.48
N ASN F 154 28.35 -27.69 2.21
CA ASN F 154 27.23 -27.21 1.41
C ASN F 154 25.91 -27.86 1.78
N ALA F 155 25.91 -29.18 1.90
CA ALA F 155 24.70 -29.91 2.26
C ALA F 155 24.20 -29.33 3.55
N VAL F 156 25.11 -29.10 4.49
CA VAL F 156 24.68 -28.55 5.74
C VAL F 156 24.16 -27.13 5.59
N ASN F 157 24.76 -26.34 4.71
CA ASN F 157 24.28 -24.99 4.55
C ASN F 157 22.86 -25.00 3.98
N GLY F 158 22.60 -25.94 3.08
CA GLY F 158 21.26 -26.06 2.52
C GLY F 158 20.30 -26.39 3.64
N ILE F 159 20.56 -27.47 4.35
CA ILE F 159 19.68 -27.88 5.44
C ILE F 159 19.48 -26.75 6.43
N VAL F 160 20.48 -25.91 6.62
CA VAL F 160 20.31 -24.85 7.60
C VAL F 160 19.53 -23.69 7.02
N THR F 161 19.99 -23.21 5.88
CA THR F 161 19.36 -22.08 5.22
C THR F 161 17.96 -22.31 4.71
N PHE F 162 17.71 -23.43 4.06
CA PHE F 162 16.41 -23.73 3.48
C PHE F 162 15.25 -24.26 4.35
N THR F 163 15.53 -24.78 5.53
CA THR F 163 14.44 -25.28 6.35
C THR F 163 14.03 -24.31 7.46
N HIS F 164 14.42 -23.05 7.34
CA HIS F 164 14.12 -21.99 8.35
C HIS F 164 12.70 -21.92 8.99
N GLU F 165 11.77 -22.71 8.46
CA GLU F 165 10.40 -22.74 8.96
C GLU F 165 10.13 -23.66 10.16
N GLN F 166 10.65 -24.89 10.19
CA GLN F 166 10.35 -25.72 11.33
C GLN F 166 10.90 -25.11 12.64
N ASN F 167 10.58 -25.73 13.77
CA ASN F 167 11.04 -25.25 15.07
C ASN F 167 12.48 -25.72 15.28
N ILE F 168 13.21 -25.00 16.12
CA ILE F 168 14.59 -25.33 16.37
C ILE F 168 14.91 -26.80 16.72
N ASN F 169 14.17 -27.38 17.66
CA ASN F 169 14.46 -28.77 18.03
C ASN F 169 14.15 -29.73 16.92
N GLU F 170 13.18 -29.32 16.12
CA GLU F 170 12.74 -30.09 14.97
C GLU F 170 13.91 -30.08 13.94
N ARG F 171 14.47 -28.89 13.71
CA ARG F 171 15.58 -28.73 12.79
C ARG F 171 16.77 -29.54 13.26
N ILE F 172 17.01 -29.53 14.57
CA ILE F 172 18.12 -30.29 15.09
C ILE F 172 17.90 -31.79 14.78
N LYS F 173 16.68 -32.28 14.97
CA LYS F 173 16.37 -33.69 14.69
C LYS F 173 16.72 -33.97 13.23
N LEU F 174 16.32 -33.05 12.37
CA LEU F 174 16.59 -33.17 10.95
C LEU F 174 18.09 -33.23 10.77
N MET F 175 18.77 -32.19 11.27
CA MET F 175 20.22 -32.07 11.15
C MET F 175 20.98 -33.30 11.66
N ASN F 176 20.55 -33.86 12.78
CA ASN F 176 21.27 -35.03 13.26
C ASN F 176 21.03 -36.22 12.38
N LYS F 177 19.82 -36.35 11.83
CA LYS F 177 19.54 -37.49 10.95
C LYS F 177 20.50 -37.44 9.79
N PHE F 178 20.66 -36.25 9.23
CA PHE F 178 21.56 -36.05 8.10
C PHE F 178 22.97 -36.47 8.51
N SER F 179 23.42 -35.94 9.66
CA SER F 179 24.73 -36.25 10.20
C SER F 179 24.97 -37.75 10.20
N GLN F 180 24.03 -38.51 10.74
CA GLN F 180 24.22 -39.95 10.78
C GLN F 180 24.27 -40.57 9.38
N ILE F 181 23.33 -40.22 8.52
CA ILE F 181 23.35 -40.76 7.17
C ILE F 181 24.71 -40.52 6.53
N PHE F 182 25.18 -39.27 6.58
CA PHE F 182 26.45 -38.90 5.97
C PHE F 182 27.62 -39.73 6.46
N LEU F 183 27.87 -39.73 7.77
CA LEU F 183 28.97 -40.52 8.32
C LEU F 183 28.77 -41.97 7.92
N ASN F 184 27.55 -42.44 8.13
CA ASN F 184 27.18 -43.79 7.79
C ASN F 184 27.52 -44.19 6.35
N GLY F 185 27.65 -43.21 5.47
CA GLY F 185 27.94 -43.54 4.09
C GLY F 185 29.39 -43.41 3.66
N LEU F 186 30.32 -43.32 4.60
CA LEU F 186 31.72 -43.17 4.23
C LEU F 186 32.50 -44.51 4.18
S SO4 G . -0.76 32.59 8.25
O1 SO4 G . -0.84 31.87 9.55
O2 SO4 G . -1.92 32.22 7.41
O3 SO4 G . -0.78 34.05 8.50
O4 SO4 G . 0.48 32.22 7.55
S SO4 H . 12.83 -21.95 -22.38
O1 SO4 H . 12.64 -23.22 -23.10
O2 SO4 H . 12.52 -20.83 -23.29
O3 SO4 H . 11.93 -21.88 -21.22
O4 SO4 H . 14.24 -21.85 -21.92
S SO4 I . 14.69 -44.19 10.90
O1 SO4 I . 14.77 -45.26 9.87
O2 SO4 I . 14.37 -42.91 10.23
O3 SO4 I . 13.63 -44.52 11.87
O4 SO4 I . 15.98 -44.08 11.60
S SO4 J . -32.06 5.50 -14.57
O1 SO4 J . -31.76 4.07 -14.78
O2 SO4 J . -31.00 6.32 -15.20
O3 SO4 J . -33.36 5.84 -15.19
O4 SO4 J . -32.12 5.78 -13.12
S SO4 K . 27.88 -11.26 22.52
O1 SO4 K . 28.02 -11.92 21.20
O2 SO4 K . 27.23 -9.94 22.33
O3 SO4 K . 27.05 -12.10 23.40
O4 SO4 K . 29.22 -11.07 23.11
#